data_3GAC
#
_entry.id   3GAC
#
_cell.length_a   95.500
_cell.length_b   99.530
_cell.length_c   106.600
_cell.angle_alpha   90.00
_cell.angle_beta   90.00
_cell.angle_gamma   90.00
#
_symmetry.space_group_name_H-M   'P 21 21 21'
#
loop_
_entity.id
_entity.type
_entity.pdbx_description
1 polymer 'Macrophage migration inhibitory factor-like protein'
2 non-polymer 'SULFATE ION'
3 non-polymer 'ACETIC ACID'
4 non-polymer '3-(4-HYDROXY-PHENYL)PYRUVIC ACID'
5 water water
#
_entity_poly.entity_id   1
_entity_poly.type   'polypeptide(L)'
_entity_poly.pdbx_seq_one_letter_code
;PCCELITNISIPDDKAQNALSEIEDAISNVLGKPVAYIMSNYDYQKNLRFSGSNEGYCFVRLTSIGGINRSNNSSLADKI
TKILSNHLGVKPRRVYIEFRDCSAQNFAFSGSLFGLE
;
_entity_poly.pdbx_strand_id   A,B,C,D,E,F
#
# COMPACT_ATOMS: atom_id res chain seq x y z
N PRO A 1 -11.80 17.37 -27.12
CA PRO A 1 -11.86 15.94 -26.83
C PRO A 1 -10.99 15.57 -25.63
N CYS A 2 -11.24 14.38 -25.09
CA CYS A 2 -10.44 13.83 -23.99
C CYS A 2 -9.93 12.44 -24.38
N CYS A 3 -8.63 12.22 -24.24
CA CYS A 3 -8.05 10.92 -24.55
C CYS A 3 -7.36 10.33 -23.32
N GLU A 4 -7.99 9.32 -22.73
CA GLU A 4 -7.47 8.67 -21.54
C GLU A 4 -6.78 7.36 -21.91
N LEU A 5 -5.45 7.37 -21.82
CA LEU A 5 -4.67 6.15 -22.01
C LEU A 5 -4.38 5.51 -20.66
N ILE A 6 -4.76 4.25 -20.54
CA ILE A 6 -4.53 3.45 -19.34
C ILE A 6 -3.70 2.26 -19.77
N THR A 7 -2.54 2.08 -19.14
CA THR A 7 -1.60 1.05 -19.57
C THR A 7 -0.73 0.54 -18.41
N ASN A 8 -0.28 -0.70 -18.54
CA ASN A 8 0.60 -1.32 -17.56
C ASN A 8 2.06 -1.27 -18.02
N ILE A 9 2.32 -0.48 -19.06
CA ILE A 9 3.68 -0.27 -19.57
C ILE A 9 4.26 1.01 -18.98
N SER A 10 5.38 0.85 -18.28
CA SER A 10 6.08 1.96 -17.65
C SER A 10 7.15 2.55 -18.59
N ILE A 11 7.02 3.84 -18.88
CA ILE A 11 8.05 4.60 -19.60
C ILE A 11 8.29 5.93 -18.87
N PRO A 12 9.47 6.54 -19.03
CA PRO A 12 9.74 7.84 -18.41
C PRO A 12 8.77 8.95 -18.85
N ASP A 13 8.65 9.98 -18.01
CA ASP A 13 7.67 11.06 -18.24
C ASP A 13 7.81 11.75 -19.59
N ASP A 14 9.05 12.00 -20.01
CA ASP A 14 9.30 12.64 -21.32
C ASP A 14 8.78 11.79 -22.48
N LYS A 15 8.98 10.48 -22.39
N LYS A 15 8.98 10.47 -22.39
CA LYS A 15 8.54 9.54 -23.41
CA LYS A 15 8.53 9.55 -23.44
C LYS A 15 7.02 9.40 -23.41
C LYS A 15 7.03 9.32 -23.41
N ALA A 16 6.43 9.37 -22.21
CA ALA A 16 4.98 9.32 -22.04
C ALA A 16 4.32 10.51 -22.72
N GLN A 17 4.84 11.71 -22.45
CA GLN A 17 4.30 12.92 -23.06
C GLN A 17 4.52 13.01 -24.57
N ASN A 18 5.65 12.44 -25.04
N ASN A 18 5.63 12.44 -25.05
CA ASN A 18 5.92 12.29 -26.48
CA ASN A 18 5.87 12.36 -26.49
C ASN A 18 4.79 11.54 -27.16
C ASN A 18 4.83 11.50 -27.22
N ALA A 19 4.49 10.35 -26.62
CA ALA A 19 3.41 9.49 -27.15
C ALA A 19 2.06 10.22 -27.16
N LEU A 20 1.75 10.95 -26.08
CA LEU A 20 0.53 11.73 -25.99
C LEU A 20 0.47 12.85 -27.03
N SER A 21 1.61 13.51 -27.24
CA SER A 21 1.71 14.59 -28.22
CA SER A 21 1.70 14.60 -28.22
C SER A 21 1.36 14.09 -29.63
N GLU A 22 1.86 12.90 -29.97
CA GLU A 22 1.56 12.26 -31.26
C GLU A 22 0.09 11.84 -31.36
N ILE A 23 -0.46 11.33 -30.27
CA ILE A 23 -1.89 11.01 -30.20
C ILE A 23 -2.74 12.27 -30.35
N GLU A 24 -2.34 13.36 -29.70
CA GLU A 24 -3.02 14.64 -29.81
C GLU A 24 -3.06 15.14 -31.27
N ASP A 25 -1.93 14.99 -31.96
N ASP A 25 -1.93 15.00 -31.97
CA ASP A 25 -1.81 15.36 -33.38
CA ASP A 25 -1.84 15.35 -33.39
C ASP A 25 -2.79 14.57 -34.27
C ASP A 25 -2.85 14.58 -34.22
N ALA A 26 -2.91 13.27 -34.00
CA ALA A 26 -3.82 12.40 -34.73
C ALA A 26 -5.28 12.81 -34.51
N ILE A 27 -5.64 13.03 -33.25
CA ILE A 27 -7.00 13.46 -32.87
C ILE A 27 -7.35 14.78 -33.56
N SER A 28 -6.42 15.73 -33.49
CA SER A 28 -6.58 17.04 -34.12
C SER A 28 -6.82 16.91 -35.63
N ASN A 29 -5.98 16.10 -36.28
CA ASN A 29 -6.13 15.81 -37.69
C ASN A 29 -7.47 15.16 -38.05
N VAL A 30 -7.82 14.08 -37.36
CA VAL A 30 -8.99 13.29 -37.75
C VAL A 30 -10.31 14.01 -37.42
N LEU A 31 -10.41 14.58 -36.22
CA LEU A 31 -11.63 15.23 -35.78
C LEU A 31 -11.77 16.68 -36.26
N GLY A 32 -10.70 17.20 -36.89
CA GLY A 32 -10.67 18.59 -37.34
C GLY A 32 -10.86 19.57 -36.20
N LYS A 33 -10.20 19.29 -35.08
N LYS A 33 -10.19 19.30 -35.07
CA LYS A 33 -10.31 20.12 -33.87
CA LYS A 33 -10.31 20.13 -33.88
C LYS A 33 -8.93 20.63 -33.46
C LYS A 33 -8.94 20.63 -33.44
N PRO A 34 -8.84 21.90 -33.02
CA PRO A 34 -7.54 22.43 -32.58
C PRO A 34 -7.04 21.75 -31.32
N VAL A 35 -5.71 21.72 -31.17
CA VAL A 35 -5.06 21.17 -29.98
C VAL A 35 -5.58 21.83 -28.69
N ALA A 36 -5.94 23.12 -28.80
CA ALA A 36 -6.55 23.88 -27.70
C ALA A 36 -7.73 23.18 -27.00
N TYR A 37 -8.41 22.27 -27.70
CA TYR A 37 -9.56 21.58 -27.12
C TYR A 37 -9.25 20.15 -26.65
N ILE A 38 -7.99 19.73 -26.81
CA ILE A 38 -7.64 18.34 -26.56
C ILE A 38 -6.96 18.10 -25.21
N MET A 39 -7.56 17.21 -24.44
CA MET A 39 -6.96 16.66 -23.22
C MET A 39 -6.44 15.25 -23.51
N SER A 40 -5.27 14.93 -22.97
CA SER A 40 -4.74 13.56 -23.04
C SER A 40 -4.07 13.19 -21.72
N ASN A 41 -4.00 11.90 -21.44
CA ASN A 41 -3.35 11.41 -20.23
C ASN A 41 -2.75 10.04 -20.41
N TYR A 42 -1.60 9.82 -19.76
CA TYR A 42 -0.94 8.54 -19.68
C TYR A 42 -1.07 8.08 -18.23
N ASP A 43 -1.93 7.10 -18.00
CA ASP A 43 -2.17 6.60 -16.65
C ASP A 43 -1.53 5.22 -16.51
N TYR A 44 -0.41 5.18 -15.76
CA TYR A 44 0.30 3.95 -15.50
C TYR A 44 -0.41 3.12 -14.43
N GLN A 45 -0.94 1.97 -14.87
CA GLN A 45 -1.69 1.07 -13.98
C GLN A 45 -1.03 -0.30 -13.98
N LYS A 46 -0.15 -0.52 -13.00
CA LYS A 46 0.73 -1.69 -12.97
C LYS A 46 -0.01 -3.04 -12.98
N ASN A 47 -1.21 -3.06 -12.39
CA ASN A 47 -1.97 -4.30 -12.26
C ASN A 47 -3.01 -4.53 -13.36
N LEU A 48 -2.95 -3.71 -14.40
CA LEU A 48 -3.90 -3.83 -15.52
C LEU A 48 -3.79 -5.19 -16.21
N ARG A 49 -4.94 -5.82 -16.45
CA ARG A 49 -4.99 -7.13 -17.07
C ARG A 49 -5.81 -7.12 -18.34
N PHE A 50 -5.42 -7.98 -19.28
CA PHE A 50 -6.23 -8.28 -20.45
C PHE A 50 -5.99 -9.73 -20.84
N SER A 51 -7.07 -10.41 -21.22
CA SER A 51 -7.05 -11.84 -21.56
C SER A 51 -6.41 -12.69 -20.45
N GLY A 52 -6.66 -12.30 -19.21
CA GLY A 52 -6.21 -13.06 -18.05
C GLY A 52 -4.73 -12.93 -17.75
N SER A 53 -4.07 -11.92 -18.33
CA SER A 53 -2.64 -11.73 -18.09
C SER A 53 -2.25 -10.27 -17.90
N ASN A 54 -1.15 -10.08 -17.17
CA ASN A 54 -0.58 -8.77 -16.91
C ASN A 54 0.45 -8.35 -17.98
N GLU A 55 0.46 -9.04 -19.12
CA GLU A 55 1.32 -8.66 -20.26
CA GLU A 55 1.32 -8.67 -20.26
C GLU A 55 1.00 -7.25 -20.72
N GLY A 56 2.00 -6.57 -21.28
CA GLY A 56 1.84 -5.22 -21.84
C GLY A 56 0.50 -5.04 -22.56
N TYR A 57 -0.24 -4.02 -22.15
CA TYR A 57 -1.58 -3.77 -22.70
C TYR A 57 -1.96 -2.30 -22.58
N CYS A 58 -2.74 -1.80 -23.55
CA CYS A 58 -3.29 -0.44 -23.49
C CYS A 58 -4.80 -0.40 -23.65
N PHE A 59 -5.44 0.41 -22.82
CA PHE A 59 -6.83 0.80 -23.02
C PHE A 59 -6.90 2.31 -23.21
N VAL A 60 -7.60 2.73 -24.27
CA VAL A 60 -7.82 4.14 -24.56
C VAL A 60 -9.33 4.45 -24.55
N ARG A 61 -9.71 5.43 -23.75
CA ARG A 61 -11.06 5.98 -23.82
C ARG A 61 -10.99 7.36 -24.46
N LEU A 62 -11.65 7.51 -25.61
CA LEU A 62 -11.68 8.77 -26.32
C LEU A 62 -13.08 9.37 -26.28
N THR A 63 -13.21 10.50 -25.58
CA THR A 63 -14.49 11.19 -25.45
C THR A 63 -14.47 12.48 -26.27
N SER A 64 -15.50 12.67 -27.10
CA SER A 64 -15.57 13.86 -27.93
C SER A 64 -17.00 14.41 -28.05
N ILE A 65 -17.10 15.73 -28.19
CA ILE A 65 -18.37 16.35 -28.52
C ILE A 65 -18.49 16.36 -30.04
N GLY A 66 -19.24 15.40 -30.57
CA GLY A 66 -19.32 15.18 -32.01
C GLY A 66 -18.06 14.52 -32.55
N GLY A 67 -18.12 14.13 -33.82
CA GLY A 67 -16.98 13.49 -34.49
C GLY A 67 -16.86 12.00 -34.22
N ILE A 68 -17.80 11.45 -33.45
CA ILE A 68 -17.85 10.02 -33.17
C ILE A 68 -18.73 9.32 -34.20
N ASN A 69 -18.06 8.67 -35.15
CA ASN A 69 -18.71 7.97 -36.25
C ASN A 69 -17.75 6.92 -36.81
N ARG A 70 -18.28 6.03 -37.65
CA ARG A 70 -17.47 4.92 -38.17
C ARG A 70 -16.17 5.38 -38.85
N SER A 71 -16.26 6.40 -39.69
CA SER A 71 -15.11 6.87 -40.43
C SER A 71 -14.01 7.39 -39.51
N ASN A 72 -14.35 8.33 -38.64
CA ASN A 72 -13.39 8.88 -37.67
C ASN A 72 -12.89 7.83 -36.68
N ASN A 73 -13.79 7.00 -36.19
CA ASN A 73 -13.45 5.94 -35.23
C ASN A 73 -12.44 4.96 -35.84
N SER A 74 -12.73 4.49 -37.05
CA SER A 74 -11.83 3.59 -37.78
C SER A 74 -10.45 4.22 -37.97
N SER A 75 -10.42 5.45 -38.46
CA SER A 75 -9.17 6.16 -38.72
C SER A 75 -8.33 6.34 -37.46
N LEU A 76 -8.97 6.81 -36.38
CA LEU A 76 -8.30 6.99 -35.10
C LEU A 76 -7.87 5.68 -34.45
N ALA A 77 -8.67 4.63 -34.58
CA ALA A 77 -8.30 3.32 -34.06
C ALA A 77 -7.00 2.84 -34.70
N ASP A 78 -6.88 3.02 -36.01
CA ASP A 78 -5.67 2.68 -36.74
C ASP A 78 -4.48 3.52 -36.29
N LYS A 79 -4.63 4.84 -36.32
CA LYS A 79 -3.54 5.77 -35.98
C LYS A 79 -3.05 5.63 -34.54
N ILE A 80 -3.99 5.62 -33.59
CA ILE A 80 -3.63 5.53 -32.16
C ILE A 80 -2.92 4.22 -31.82
N THR A 81 -3.43 3.11 -32.36
CA THR A 81 -2.84 1.79 -32.12
C THR A 81 -1.40 1.71 -32.65
N LYS A 82 -1.19 2.24 -33.85
CA LYS A 82 0.16 2.35 -34.44
C LYS A 82 1.10 3.16 -33.56
N ILE A 83 0.63 4.30 -33.05
CA ILE A 83 1.43 5.15 -32.17
C ILE A 83 1.81 4.37 -30.90
N LEU A 84 0.83 3.71 -30.28
CA LEU A 84 1.07 2.95 -29.06
C LEU A 84 2.06 1.82 -29.30
N SER A 85 1.89 1.09 -30.39
CA SER A 85 2.80 0.01 -30.78
CA SER A 85 2.80 0.01 -30.78
C SER A 85 4.23 0.51 -30.93
N ASN A 86 4.41 1.57 -31.71
CA ASN A 86 5.72 2.18 -31.95
C ASN A 86 6.38 2.72 -30.67
N HIS A 87 5.62 3.50 -29.90
CA HIS A 87 6.16 4.20 -28.73
C HIS A 87 6.27 3.35 -27.47
N LEU A 88 5.32 2.43 -27.28
CA LEU A 88 5.25 1.65 -26.04
C LEU A 88 5.66 0.18 -26.23
N GLY A 89 5.75 -0.26 -27.48
CA GLY A 89 6.12 -1.65 -27.79
C GLY A 89 4.98 -2.63 -27.55
N VAL A 90 3.79 -2.10 -27.26
CA VAL A 90 2.61 -2.93 -27.05
C VAL A 90 2.20 -3.66 -28.34
N LYS A 91 1.73 -4.90 -28.23
CA LYS A 91 1.18 -5.62 -29.37
C LYS A 91 -0.16 -4.96 -29.72
N PRO A 92 -0.42 -4.73 -31.02
CA PRO A 92 -1.72 -4.20 -31.44
C PRO A 92 -2.90 -5.01 -30.90
N ARG A 93 -2.76 -6.33 -30.78
CA ARG A 93 -3.83 -7.18 -30.24
C ARG A 93 -3.93 -7.12 -28.71
N ARG A 94 -3.23 -6.16 -28.12
CA ARG A 94 -3.40 -5.83 -26.71
C ARG A 94 -3.64 -4.34 -26.57
N VAL A 95 -4.40 -3.80 -27.53
CA VAL A 95 -4.89 -2.42 -27.51
C VAL A 95 -6.40 -2.39 -27.73
N TYR A 96 -7.11 -1.88 -26.73
CA TYR A 96 -8.56 -1.63 -26.79
C TYR A 96 -8.75 -0.12 -26.88
N ILE A 97 -9.70 0.33 -27.70
CA ILE A 97 -10.10 1.74 -27.74
C ILE A 97 -11.62 1.86 -27.69
N GLU A 98 -12.11 2.65 -26.72
CA GLU A 98 -13.52 2.98 -26.62
C GLU A 98 -13.75 4.42 -27.07
N PHE A 99 -14.78 4.63 -27.89
CA PHE A 99 -15.15 5.95 -28.39
C PHE A 99 -16.47 6.37 -27.75
N ARG A 100 -16.47 7.54 -27.10
CA ARG A 100 -17.66 8.07 -26.43
C ARG A 100 -18.05 9.44 -26.98
N ASP A 101 -19.32 9.58 -27.35
CA ASP A 101 -19.87 10.87 -27.72
C ASP A 101 -20.41 11.55 -26.45
N CYS A 102 -20.24 12.85 -26.36
CA CYS A 102 -20.81 13.63 -25.26
C CYS A 102 -21.53 14.83 -25.86
N SER A 103 -22.75 15.11 -25.38
CA SER A 103 -23.47 16.26 -25.87
C SER A 103 -22.89 17.54 -25.26
N ALA A 104 -22.98 18.65 -26.01
CA ALA A 104 -22.44 19.94 -25.58
C ALA A 104 -23.09 20.48 -24.31
N GLN A 105 -24.36 20.11 -24.09
CA GLN A 105 -25.07 20.50 -22.87
C GLN A 105 -24.51 19.80 -21.63
N ASN A 106 -23.80 18.69 -21.86
CA ASN A 106 -23.23 17.87 -20.79
C ASN A 106 -21.72 18.02 -20.62
N PHE A 107 -21.18 19.13 -21.13
CA PHE A 107 -19.75 19.40 -21.00
C PHE A 107 -19.53 20.88 -20.71
N ALA A 108 -18.63 21.15 -19.78
CA ALA A 108 -18.34 22.52 -19.37
C ALA A 108 -16.86 22.84 -19.50
N PHE A 109 -16.57 24.10 -19.75
CA PHE A 109 -15.22 24.60 -19.91
C PHE A 109 -15.17 26.01 -19.35
N SER A 110 -14.13 26.30 -18.56
CA SER A 110 -13.96 27.60 -17.93
C SER A 110 -15.19 28.05 -17.13
N GLY A 111 -15.87 27.09 -16.50
CA GLY A 111 -17.00 27.38 -15.61
C GLY A 111 -18.36 27.57 -16.29
N SER A 112 -18.41 27.37 -17.60
CA SER A 112 -19.67 27.49 -18.37
C SER A 112 -19.85 26.31 -19.31
N LEU A 113 -21.11 25.96 -19.59
CA LEU A 113 -21.43 24.89 -20.54
C LEU A 113 -21.05 25.27 -21.97
N PHE A 114 -20.63 24.28 -22.76
CA PHE A 114 -20.35 24.49 -24.19
C PHE A 114 -21.62 24.81 -24.97
N GLY A 115 -22.70 24.10 -24.66
CA GLY A 115 -23.98 24.26 -25.35
C GLY A 115 -24.72 25.52 -24.92
N PRO B 1 -15.17 -6.95 -22.56
CA PRO B 1 -15.58 -5.98 -21.56
C PRO B 1 -14.41 -5.33 -20.83
N CYS B 2 -14.68 -4.22 -20.15
CA CYS B 2 -13.71 -3.54 -19.30
C CYS B 2 -14.26 -3.42 -17.90
N CYS B 3 -13.50 -3.91 -16.92
CA CYS B 3 -13.89 -3.83 -15.52
C CYS B 3 -12.89 -3.00 -14.73
N GLU B 4 -13.29 -1.78 -14.42
CA GLU B 4 -12.42 -0.85 -13.72
C GLU B 4 -12.76 -0.82 -12.24
N LEU B 5 -11.88 -1.37 -11.41
CA LEU B 5 -12.02 -1.25 -9.97
C LEU B 5 -11.20 -0.05 -9.48
N ILE B 6 -11.88 0.86 -8.78
CA ILE B 6 -11.23 2.03 -8.19
C ILE B 6 -11.46 1.96 -6.69
N THR B 7 -10.38 1.96 -5.92
CA THR B 7 -10.48 1.70 -4.48
C THR B 7 -9.37 2.37 -3.67
N ASN B 8 -9.68 2.71 -2.41
CA ASN B 8 -8.69 3.24 -1.47
C ASN B 8 -8.15 2.14 -0.56
N ILE B 9 -8.42 0.89 -0.95
CA ILE B 9 -7.92 -0.27 -0.24
C ILE B 9 -6.66 -0.79 -0.94
N SER B 10 -5.60 -0.98 -0.16
CA SER B 10 -4.30 -1.38 -0.68
C SER B 10 -3.97 -2.82 -0.33
N ILE B 11 -3.72 -3.64 -1.35
CA ILE B 11 -3.25 -5.01 -1.18
C ILE B 11 -2.11 -5.26 -2.16
N PRO B 12 -1.18 -6.19 -1.84
CA PRO B 12 -0.06 -6.50 -2.75
C PRO B 12 -0.51 -6.94 -4.14
N ASP B 13 0.37 -6.78 -5.12
CA ASP B 13 0.02 -6.96 -6.54
C ASP B 13 -0.59 -8.32 -6.88
N ASP B 14 -0.01 -9.39 -6.36
CA ASP B 14 -0.49 -10.75 -6.66
C ASP B 14 -1.92 -10.95 -6.14
N LYS B 15 -2.22 -10.35 -4.98
CA LYS B 15 -3.54 -10.44 -4.39
C LYS B 15 -4.55 -9.54 -5.12
N ALA B 16 -4.08 -8.39 -5.58
CA ALA B 16 -4.87 -7.55 -6.48
C ALA B 16 -5.25 -8.34 -7.74
N GLN B 17 -4.25 -9.01 -8.34
CA GLN B 17 -4.45 -9.86 -9.52
C GLN B 17 -5.46 -10.97 -9.25
N ASN B 18 -5.32 -11.62 -8.09
CA ASN B 18 -6.21 -12.71 -7.69
CA ASN B 18 -6.21 -12.71 -7.70
C ASN B 18 -7.66 -12.25 -7.62
N ALA B 19 -7.88 -11.09 -7.00
CA ALA B 19 -9.21 -10.52 -6.86
C ALA B 19 -9.80 -10.20 -8.25
N LEU B 20 -8.98 -9.60 -9.12
CA LEU B 20 -9.40 -9.29 -10.47
C LEU B 20 -9.73 -10.55 -11.28
N SER B 21 -8.93 -11.61 -11.08
CA SER B 21 -9.16 -12.89 -11.75
C SER B 21 -10.54 -13.47 -11.42
N GLU B 22 -10.91 -13.43 -10.14
CA GLU B 22 -12.21 -13.95 -9.71
CA GLU B 22 -12.20 -13.94 -9.69
C GLU B 22 -13.35 -13.13 -10.28
N ILE B 23 -13.17 -11.81 -10.36
CA ILE B 23 -14.14 -10.91 -10.97
C ILE B 23 -14.32 -11.21 -12.47
N GLU B 24 -13.19 -11.44 -13.16
CA GLU B 24 -13.21 -11.83 -14.57
C GLU B 24 -14.04 -13.09 -14.81
N ASP B 25 -13.89 -14.08 -13.92
CA ASP B 25 -14.63 -15.32 -14.02
C ASP B 25 -16.13 -15.11 -13.81
N ALA B 26 -16.49 -14.30 -12.82
CA ALA B 26 -17.88 -13.90 -12.61
C ALA B 26 -18.46 -13.26 -13.88
N ILE B 27 -17.73 -12.29 -14.44
CA ILE B 27 -18.12 -11.61 -15.68
C ILE B 27 -18.32 -12.62 -16.80
N SER B 28 -17.33 -13.52 -16.96
CA SER B 28 -17.38 -14.58 -17.96
CA SER B 28 -17.38 -14.58 -17.96
C SER B 28 -18.60 -15.49 -17.79
N ASN B 29 -18.85 -15.89 -16.53
CA ASN B 29 -19.99 -16.74 -16.23
CA ASN B 29 -20.01 -16.74 -16.20
C ASN B 29 -21.34 -16.09 -16.57
N VAL B 30 -21.51 -14.83 -16.19
CA VAL B 30 -22.79 -14.15 -16.41
C VAL B 30 -23.00 -13.67 -17.84
N LEU B 31 -21.99 -13.03 -18.42
CA LEU B 31 -22.12 -12.46 -19.76
C LEU B 31 -21.89 -13.47 -20.88
N GLY B 32 -21.30 -14.62 -20.56
CA GLY B 32 -20.96 -15.63 -21.57
C GLY B 32 -19.81 -15.21 -22.46
N LYS B 33 -19.00 -14.26 -21.99
CA LYS B 33 -17.86 -13.77 -22.74
C LYS B 33 -16.55 -14.26 -22.11
N PRO B 34 -15.69 -14.95 -22.87
CA PRO B 34 -14.46 -15.50 -22.26
C PRO B 34 -13.45 -14.41 -21.91
N VAL B 35 -12.51 -14.76 -21.02
CA VAL B 35 -11.52 -13.80 -20.51
C VAL B 35 -10.66 -13.16 -21.64
N ALA B 36 -10.56 -13.85 -22.78
CA ALA B 36 -9.88 -13.33 -23.97
C ALA B 36 -10.37 -11.94 -24.40
N TYR B 37 -11.60 -11.60 -24.02
CA TYR B 37 -12.21 -10.31 -24.36
C TYR B 37 -12.31 -9.37 -23.17
N ILE B 38 -11.83 -9.81 -22.01
CA ILE B 38 -11.99 -9.03 -20.77
C ILE B 38 -10.72 -8.32 -20.33
N MET B 39 -10.84 -7.00 -20.16
CA MET B 39 -9.86 -6.20 -19.45
C MET B 39 -10.34 -5.97 -18.02
N SER B 40 -9.41 -5.99 -17.07
CA SER B 40 -9.71 -5.61 -15.70
C SER B 40 -8.57 -4.81 -15.11
N ASN B 41 -8.88 -4.00 -14.09
CA ASN B 41 -7.87 -3.18 -13.42
C ASN B 41 -8.20 -2.92 -11.96
N TYR B 42 -7.14 -2.82 -11.16
CA TYR B 42 -7.20 -2.46 -9.75
C TYR B 42 -6.48 -1.12 -9.63
N ASP B 43 -7.24 -0.04 -9.50
CA ASP B 43 -6.66 1.29 -9.40
C ASP B 43 -6.69 1.77 -7.96
N TYR B 44 -5.53 1.74 -7.30
CA TYR B 44 -5.39 2.24 -5.93
C TYR B 44 -5.44 3.77 -5.90
N GLN B 45 -6.48 4.29 -5.28
CA GLN B 45 -6.71 5.73 -5.21
C GLN B 45 -6.85 6.15 -3.74
N LYS B 46 -5.74 6.62 -3.18
CA LYS B 46 -5.64 6.88 -1.73
C LYS B 46 -6.59 7.95 -1.21
N ASN B 47 -7.01 8.86 -2.09
CA ASN B 47 -7.88 9.96 -1.69
C ASN B 47 -9.36 9.72 -1.97
N LEU B 48 -9.70 8.50 -2.37
CA LEU B 48 -11.07 8.14 -2.70
C LEU B 48 -11.97 8.28 -1.48
N ARG B 49 -13.13 8.89 -1.70
CA ARG B 49 -14.10 9.13 -0.62
C ARG B 49 -15.45 8.61 -1.01
N PHE B 50 -16.21 8.19 0.01
CA PHE B 50 -17.62 7.86 -0.15
C PHE B 50 -18.34 8.19 1.14
N SER B 51 -19.56 8.69 1.00
CA SER B 51 -20.39 9.07 2.14
C SER B 51 -19.67 10.02 3.09
N GLY B 52 -18.84 10.89 2.52
CA GLY B 52 -18.16 11.94 3.28
C GLY B 52 -16.95 11.50 4.09
N SER B 53 -16.44 10.30 3.83
CA SER B 53 -15.27 9.78 4.56
C SER B 53 -14.29 9.00 3.69
N ASN B 54 -13.08 8.84 4.22
CA ASN B 54 -11.99 8.12 3.55
CA ASN B 54 -11.99 8.12 3.53
C ASN B 54 -11.95 6.63 3.91
N GLU B 55 -13.03 6.14 4.54
N GLU B 55 -13.03 6.14 4.54
CA GLU B 55 -13.14 4.72 4.90
CA GLU B 55 -13.13 4.73 4.94
C GLU B 55 -13.02 3.82 3.67
C GLU B 55 -13.07 3.82 3.71
N GLY B 56 -12.51 2.62 3.89
CA GLY B 56 -12.40 1.61 2.81
C GLY B 56 -13.63 1.56 1.92
N TYR B 57 -13.42 1.70 0.61
CA TYR B 57 -14.50 1.81 -0.35
C TYR B 57 -14.06 1.31 -1.73
N CYS B 58 -15.02 0.78 -2.50
CA CYS B 58 -14.78 0.32 -3.87
C CYS B 58 -15.84 0.85 -4.83
N PHE B 59 -15.38 1.37 -5.97
CA PHE B 59 -16.25 1.65 -7.10
C PHE B 59 -15.80 0.77 -8.27
N VAL B 60 -16.76 0.13 -8.92
CA VAL B 60 -16.48 -0.67 -10.12
C VAL B 60 -17.29 -0.12 -11.29
N ARG B 61 -16.61 0.14 -12.40
CA ARG B 61 -17.27 0.49 -13.64
C ARG B 61 -17.08 -0.67 -14.62
N LEU B 62 -18.19 -1.29 -15.00
CA LEU B 62 -18.17 -2.40 -15.95
C LEU B 62 -18.78 -1.95 -17.28
N THR B 63 -17.94 -1.93 -18.32
CA THR B 63 -18.35 -1.52 -19.66
C THR B 63 -18.36 -2.75 -20.55
N SER B 64 -19.46 -2.96 -21.26
CA SER B 64 -19.63 -4.16 -22.10
C SER B 64 -20.40 -3.85 -23.38
N ILE B 65 -20.02 -4.54 -24.45
CA ILE B 65 -20.79 -4.54 -25.70
C ILE B 65 -21.89 -5.60 -25.55
N GLY B 66 -23.07 -5.16 -25.13
CA GLY B 66 -24.19 -6.06 -24.86
C GLY B 66 -24.11 -6.73 -23.49
N GLY B 67 -25.20 -7.39 -23.11
CA GLY B 67 -25.26 -8.09 -21.83
C GLY B 67 -25.49 -7.15 -20.64
N ILE B 68 -25.79 -5.90 -20.93
CA ILE B 68 -26.16 -4.93 -19.89
C ILE B 68 -27.68 -4.90 -19.80
N ASN B 69 -28.21 -5.56 -18.77
CA ASN B 69 -29.64 -5.67 -18.54
C ASN B 69 -29.90 -6.00 -17.07
N ARG B 70 -31.17 -5.95 -16.65
CA ARG B 70 -31.48 -6.11 -15.23
C ARG B 70 -30.98 -7.42 -14.65
N SER B 71 -31.26 -8.54 -15.34
CA SER B 71 -30.89 -9.86 -14.85
C SER B 71 -29.38 -10.02 -14.71
N ASN B 72 -28.64 -9.61 -15.75
CA ASN B 72 -27.17 -9.70 -15.74
C ASN B 72 -26.55 -8.74 -14.73
N ASN B 73 -27.04 -7.50 -14.71
CA ASN B 73 -26.55 -6.49 -13.77
C ASN B 73 -26.78 -6.92 -12.32
N SER B 74 -27.98 -7.44 -12.04
CA SER B 74 -28.33 -7.87 -10.69
C SER B 74 -27.42 -9.00 -10.23
N SER B 75 -27.19 -9.96 -11.11
CA SER B 75 -26.33 -11.12 -10.83
C SER B 75 -24.88 -10.72 -10.58
N LEU B 76 -24.33 -9.86 -11.45
CA LEU B 76 -22.96 -9.40 -11.30
C LEU B 76 -22.79 -8.46 -10.11
N ALA B 77 -23.80 -7.64 -9.83
CA ALA B 77 -23.73 -6.76 -8.66
C ALA B 77 -23.57 -7.59 -7.40
N ASP B 78 -24.34 -8.66 -7.30
CA ASP B 78 -24.26 -9.57 -6.18
C ASP B 78 -22.91 -10.26 -6.10
N LYS B 79 -22.48 -10.83 -7.22
CA LYS B 79 -21.23 -11.61 -7.28
C LYS B 79 -19.99 -10.77 -7.01
N ILE B 80 -19.88 -9.63 -7.70
CA ILE B 80 -18.71 -8.76 -7.60
C ILE B 80 -18.56 -8.15 -6.20
N THR B 81 -19.68 -7.71 -5.61
CA THR B 81 -19.66 -7.11 -4.27
C THR B 81 -19.17 -8.13 -3.22
N LYS B 82 -19.63 -9.37 -3.34
CA LYS B 82 -19.16 -10.45 -2.48
C LYS B 82 -17.67 -10.74 -2.67
N ILE B 83 -17.19 -10.75 -3.91
CA ILE B 83 -15.76 -10.95 -4.19
C ILE B 83 -14.91 -9.86 -3.54
N LEU B 84 -15.35 -8.61 -3.64
CA LEU B 84 -14.63 -7.48 -3.07
C LEU B 84 -14.62 -7.52 -1.54
N SER B 85 -15.77 -7.81 -0.94
CA SER B 85 -15.82 -7.95 0.52
C SER B 85 -14.88 -9.07 0.99
N ASN B 86 -14.89 -10.19 0.28
CA ASN B 86 -14.01 -11.32 0.61
CA ASN B 86 -14.02 -11.33 0.61
C ASN B 86 -12.53 -10.99 0.51
N HIS B 87 -12.11 -10.44 -0.63
CA HIS B 87 -10.69 -10.20 -0.87
C HIS B 87 -10.14 -8.88 -0.32
N LEU B 88 -10.98 -7.85 -0.25
CA LEU B 88 -10.52 -6.52 0.19
C LEU B 88 -11.03 -6.12 1.57
N GLY B 89 -11.98 -6.88 2.11
CA GLY B 89 -12.58 -6.55 3.42
C GLY B 89 -13.51 -5.35 3.39
N VAL B 90 -13.83 -4.84 2.21
CA VAL B 90 -14.76 -3.72 2.09
C VAL B 90 -16.15 -4.11 2.58
N LYS B 91 -16.82 -3.17 3.26
CA LYS B 91 -18.23 -3.34 3.64
C LYS B 91 -19.08 -3.30 2.38
N PRO B 92 -20.07 -4.20 2.28
CA PRO B 92 -21.02 -4.14 1.16
C PRO B 92 -21.61 -2.74 0.95
N ARG B 93 -21.92 -2.05 2.05
CA ARG B 93 -22.49 -0.71 1.97
C ARG B 93 -21.47 0.37 1.62
N ARG B 94 -20.26 -0.06 1.27
CA ARG B 94 -19.27 0.84 0.66
C ARG B 94 -18.75 0.27 -0.66
N VAL B 95 -19.67 -0.28 -1.44
CA VAL B 95 -19.39 -0.76 -2.80
C VAL B 95 -20.45 -0.22 -3.77
N TYR B 96 -20.00 0.54 -4.75
CA TYR B 96 -20.83 1.03 -5.86
C TYR B 96 -20.40 0.29 -7.13
N ILE B 97 -21.36 -0.07 -7.98
CA ILE B 97 -21.05 -0.65 -9.29
C ILE B 97 -21.87 0.03 -10.38
N GLU B 98 -21.19 0.56 -11.38
CA GLU B 98 -21.84 1.13 -12.57
C GLU B 98 -21.72 0.21 -13.77
N PHE B 99 -22.85 -0.01 -14.45
CA PHE B 99 -22.87 -0.81 -15.68
C PHE B 99 -23.06 0.09 -16.88
N ARG B 100 -22.19 -0.06 -17.88
CA ARG B 100 -22.25 0.74 -19.11
C ARG B 100 -22.31 -0.14 -20.35
N ASP B 101 -23.29 0.13 -21.21
CA ASP B 101 -23.36 -0.52 -22.52
C ASP B 101 -22.56 0.32 -23.51
N CYS B 102 -21.85 -0.33 -24.43
CA CYS B 102 -21.13 0.36 -25.49
C CYS B 102 -21.47 -0.32 -26.81
N SER B 103 -21.67 0.48 -27.86
CA SER B 103 -21.89 -0.05 -29.19
C SER B 103 -20.59 -0.62 -29.78
N ALA B 104 -20.74 -1.68 -30.58
CA ALA B 104 -19.61 -2.29 -31.28
C ALA B 104 -18.93 -1.33 -32.26
N GLN B 105 -19.71 -0.40 -32.82
CA GLN B 105 -19.16 0.60 -33.75
CA GLN B 105 -19.19 0.61 -33.73
C GLN B 105 -18.28 1.60 -33.01
N ASN B 106 -18.45 1.70 -31.70
CA ASN B 106 -17.69 2.63 -30.85
C ASN B 106 -16.60 1.97 -30.02
N PHE B 107 -16.16 0.81 -30.46
CA PHE B 107 -15.12 0.07 -29.76
C PHE B 107 -14.18 -0.59 -30.75
N ALA B 108 -12.88 -0.45 -30.49
CA ALA B 108 -11.86 -0.97 -31.38
C ALA B 108 -10.93 -1.92 -30.65
N PHE B 109 -10.41 -2.90 -31.40
CA PHE B 109 -9.45 -3.85 -30.91
C PHE B 109 -8.45 -4.14 -32.01
N SER B 110 -7.18 -4.19 -31.64
CA SER B 110 -6.11 -4.49 -32.59
C SER B 110 -6.11 -3.57 -33.81
N GLY B 111 -6.49 -2.31 -33.60
CA GLY B 111 -6.48 -1.28 -34.65
C GLY B 111 -7.71 -1.21 -35.53
N SER B 112 -8.72 -2.02 -35.22
CA SER B 112 -9.95 -2.09 -36.00
C SER B 112 -11.20 -2.10 -35.13
N LEU B 113 -12.28 -1.52 -35.65
CA LEU B 113 -13.56 -1.51 -34.93
C LEU B 113 -14.16 -2.90 -34.78
N PHE B 114 -14.80 -3.15 -33.64
CA PHE B 114 -15.53 -4.40 -33.42
C PHE B 114 -16.71 -4.57 -34.39
N GLY B 115 -17.42 -3.46 -34.64
CA GLY B 115 -18.61 -3.47 -35.48
C GLY B 115 -18.33 -3.74 -36.94
N LEU B 116 -19.27 -4.41 -37.61
CA LEU B 116 -19.17 -4.69 -39.04
C LEU B 116 -19.47 -3.46 -39.89
N PRO C 1 -24.13 9.87 -6.60
CA PRO C 1 -23.27 10.37 -7.67
C PRO C 1 -21.83 9.97 -7.50
N CYS C 2 -21.06 10.05 -8.58
CA CYS C 2 -19.62 9.84 -8.55
C CYS C 2 -18.92 11.04 -9.18
N CYS C 3 -17.97 11.61 -8.45
CA CYS C 3 -17.22 12.77 -8.93
C CYS C 3 -15.74 12.43 -9.04
N GLU C 4 -15.29 12.25 -10.28
CA GLU C 4 -13.89 11.91 -10.55
C GLU C 4 -13.12 13.14 -10.98
N LEU C 5 -12.27 13.66 -10.09
CA LEU C 5 -11.35 14.72 -10.44
C LEU C 5 -10.01 14.12 -10.86
N ILE C 6 -9.56 14.50 -12.04
CA ILE C 6 -8.27 14.08 -12.55
C ILE C 6 -7.45 15.35 -12.81
N THR C 7 -6.27 15.43 -12.19
CA THR C 7 -5.45 16.64 -12.26
C THR C 7 -3.94 16.37 -12.19
N ASN C 8 -3.17 17.24 -12.85
CA ASN C 8 -1.71 17.22 -12.76
C ASN C 8 -1.19 18.15 -11.65
N ILE C 9 -2.12 18.70 -10.86
CA ILE C 9 -1.75 19.59 -9.75
C ILE C 9 -1.57 18.79 -8.47
N SER C 10 -0.41 18.97 -7.84
CA SER C 10 -0.06 18.26 -6.62
C SER C 10 -0.40 19.09 -5.38
N ILE C 11 -1.26 18.54 -4.52
CA ILE C 11 -1.50 19.13 -3.20
C ILE C 11 -1.46 18.05 -2.11
N PRO C 12 -1.17 18.44 -0.85
CA PRO C 12 -1.16 17.47 0.26
C PRO C 12 -2.50 16.75 0.43
N ASP C 13 -2.44 15.54 0.97
CA ASP C 13 -3.61 14.68 1.16
C ASP C 13 -4.76 15.37 1.92
N ASP C 14 -4.42 16.06 3.01
CA ASP C 14 -5.46 16.73 3.80
C ASP C 14 -6.16 17.83 3.02
N LYS C 15 -5.40 18.53 2.17
CA LYS C 15 -5.96 19.59 1.32
C LYS C 15 -6.83 19.02 0.20
N ALA C 16 -6.41 17.87 -0.35
CA ALA C 16 -7.21 17.15 -1.34
C ALA C 16 -8.53 16.71 -0.72
N GLN C 17 -8.48 16.17 0.50
CA GLN C 17 -9.68 15.80 1.23
C GLN C 17 -10.63 16.98 1.45
N ASN C 18 -10.07 18.13 1.87
CA ASN C 18 -10.85 19.36 2.04
C ASN C 18 -11.56 19.81 0.76
N ALA C 19 -10.83 19.81 -0.36
CA ALA C 19 -11.39 20.19 -1.65
C ALA C 19 -12.53 19.28 -2.10
N LEU C 20 -12.33 17.97 -1.99
CA LEU C 20 -13.36 17.00 -2.35
C LEU C 20 -14.63 17.17 -1.50
N SER C 21 -14.47 17.43 -0.20
CA SER C 21 -15.60 17.66 0.69
C SER C 21 -16.45 18.85 0.25
N GLU C 22 -15.79 19.92 -0.18
CA GLU C 22 -16.49 21.12 -0.68
CA GLU C 22 -16.48 21.11 -0.68
C GLU C 22 -17.22 20.83 -1.99
N ILE C 23 -16.59 20.03 -2.85
CA ILE C 23 -17.22 19.61 -4.11
C ILE C 23 -18.47 18.75 -3.81
N GLU C 24 -18.33 17.83 -2.85
CA GLU C 24 -19.45 17.01 -2.39
C GLU C 24 -20.65 17.85 -1.95
N ASP C 25 -20.37 18.87 -1.16
CA ASP C 25 -21.41 19.76 -0.63
C ASP C 25 -22.12 20.49 -1.76
N ALA C 26 -21.38 20.88 -2.79
CA ALA C 26 -21.95 21.57 -3.95
C ALA C 26 -22.85 20.62 -4.77
N ILE C 27 -22.38 19.39 -4.98
CA ILE C 27 -23.16 18.36 -5.66
C ILE C 27 -24.46 18.09 -4.89
N SER C 28 -24.34 17.95 -3.57
CA SER C 28 -25.50 17.72 -2.70
C SER C 28 -26.51 18.85 -2.78
N ASN C 29 -26.00 20.08 -2.79
CA ASN C 29 -26.86 21.26 -2.85
C ASN C 29 -27.63 21.35 -4.17
N VAL C 30 -26.95 21.12 -5.28
CA VAL C 30 -27.54 21.30 -6.60
C VAL C 30 -28.42 20.12 -7.00
N LEU C 31 -27.89 18.90 -6.85
CA LEU C 31 -28.61 17.69 -7.26
C LEU C 31 -29.59 17.17 -6.22
N GLY C 32 -29.46 17.63 -4.98
CA GLY C 32 -30.31 17.16 -3.89
C GLY C 32 -29.95 15.78 -3.36
N LYS C 33 -28.84 15.23 -3.84
CA LYS C 33 -28.36 13.92 -3.41
C LYS C 33 -27.61 14.05 -2.08
N PRO C 34 -27.93 13.16 -1.12
CA PRO C 34 -27.19 13.20 0.15
C PRO C 34 -25.71 12.83 -0.04
N VAL C 35 -24.85 13.41 0.78
CA VAL C 35 -23.43 13.09 0.79
C VAL C 35 -23.22 11.58 0.94
N ALA C 36 -24.14 10.94 1.68
CA ALA C 36 -24.13 9.49 1.84
C ALA C 36 -24.13 8.71 0.51
N TYR C 37 -24.58 9.36 -0.56
CA TYR C 37 -24.65 8.76 -1.90
C TYR C 37 -23.52 9.19 -2.82
N ILE C 38 -22.66 10.08 -2.33
CA ILE C 38 -21.63 10.70 -3.18
C ILE C 38 -20.26 10.05 -3.00
N MET C 39 -19.73 9.54 -4.11
CA MET C 39 -18.33 9.18 -4.18
C MET C 39 -17.57 10.35 -4.80
N SER C 40 -16.37 10.62 -4.28
CA SER C 40 -15.48 11.61 -4.89
C SER C 40 -14.04 11.14 -4.84
N ASN C 41 -13.22 11.65 -5.76
CA ASN C 41 -11.81 11.26 -5.84
C ASN C 41 -10.93 12.38 -6.41
N TYR C 42 -9.71 12.44 -5.90
CA TYR C 42 -8.66 13.31 -6.40
C TYR C 42 -7.60 12.36 -6.98
N ASP C 43 -7.57 12.26 -8.30
CA ASP C 43 -6.62 11.37 -8.98
C ASP C 43 -5.47 12.20 -9.54
N TYR C 44 -4.33 12.17 -8.84
CA TYR C 44 -3.15 12.87 -9.29
C TYR C 44 -2.51 12.17 -10.48
N GLN C 45 -2.50 12.87 -11.61
CA GLN C 45 -1.99 12.33 -12.86
C GLN C 45 -0.94 13.28 -13.42
N LYS C 46 0.32 13.02 -13.05
CA LYS C 46 1.42 13.97 -13.28
C LYS C 46 1.65 14.31 -14.75
N ASN C 47 1.24 13.42 -15.66
CA ASN C 47 1.44 13.62 -17.09
C ASN C 47 0.17 14.03 -17.84
N LEU C 48 -0.86 14.43 -17.10
CA LEU C 48 -2.09 14.95 -17.69
C LEU C 48 -1.80 16.21 -18.50
N ARG C 49 -2.34 16.23 -19.72
CA ARG C 49 -2.10 17.33 -20.65
C ARG C 49 -3.40 17.94 -21.13
N PHE C 50 -3.35 19.23 -21.44
CA PHE C 50 -4.44 19.93 -22.09
C PHE C 50 -3.87 21.04 -22.95
N SER C 51 -4.46 21.22 -24.13
N SER C 51 -4.49 21.25 -24.11
CA SER C 51 -4.06 22.25 -25.09
CA SER C 51 -4.05 22.24 -25.11
C SER C 51 -2.61 22.08 -25.60
C SER C 51 -2.54 22.12 -25.41
N GLY C 52 -2.06 20.89 -25.43
CA GLY C 52 -0.69 20.59 -25.84
C GLY C 52 0.39 20.72 -24.77
N SER C 53 -0.03 20.94 -23.52
CA SER C 53 0.96 21.09 -22.45
C SER C 53 0.55 20.45 -21.15
N ASN C 54 1.56 20.25 -20.30
CA ASN C 54 1.45 19.69 -18.96
C ASN C 54 1.15 20.77 -17.90
N GLU C 55 0.80 21.97 -18.34
CA GLU C 55 0.42 23.06 -17.41
C GLU C 55 -0.80 22.67 -16.59
N GLY C 56 -0.90 23.25 -15.38
CA GLY C 56 -1.97 22.97 -14.42
C GLY C 56 -3.34 22.87 -15.06
N TYR C 57 -4.02 21.74 -14.81
CA TYR C 57 -5.28 21.44 -15.47
C TYR C 57 -6.10 20.46 -14.63
N CYS C 58 -7.42 20.61 -14.68
CA CYS C 58 -8.35 19.71 -14.01
C CYS C 58 -9.40 19.21 -14.97
N PHE C 59 -9.66 17.91 -14.94
CA PHE C 59 -10.81 17.32 -15.61
C PHE C 59 -11.69 16.64 -14.56
N VAL C 60 -12.98 16.94 -14.60
CA VAL C 60 -13.94 16.35 -13.67
C VAL C 60 -15.00 15.58 -14.47
N ARG C 61 -15.21 14.31 -14.10
CA ARG C 61 -16.32 13.54 -14.63
C ARG C 61 -17.33 13.30 -13.52
N LEU C 62 -18.53 13.86 -13.68
CA LEU C 62 -19.60 13.73 -12.70
C LEU C 62 -20.71 12.84 -13.24
N THR C 63 -20.87 11.69 -12.60
CA THR C 63 -21.92 10.74 -12.96
C THR C 63 -23.03 10.74 -11.90
N SER C 64 -24.28 10.86 -12.33
CA SER C 64 -25.41 10.84 -11.41
C SER C 64 -26.60 10.08 -11.99
N ILE C 65 -27.37 9.45 -11.10
CA ILE C 65 -28.66 8.87 -11.47
C ILE C 65 -29.71 9.98 -11.47
N GLY C 66 -29.88 10.60 -12.64
CA GLY C 66 -30.78 11.75 -12.78
C GLY C 66 -30.14 13.04 -12.31
N GLY C 67 -30.82 14.16 -12.56
CA GLY C 67 -30.32 15.48 -12.19
C GLY C 67 -29.34 16.06 -13.20
N ILE C 68 -29.16 15.38 -14.33
CA ILE C 68 -28.29 15.89 -15.40
C ILE C 68 -29.16 16.65 -16.39
N ASN C 69 -29.02 17.98 -16.38
CA ASN C 69 -29.82 18.88 -17.18
C ASN C 69 -29.13 20.24 -17.24
N ARG C 70 -29.58 21.12 -18.14
CA ARG C 70 -28.92 22.39 -18.38
CA ARG C 70 -28.93 22.41 -18.38
C ARG C 70 -28.71 23.20 -17.10
N SER C 71 -29.78 23.38 -16.32
CA SER C 71 -29.74 24.20 -15.11
C SER C 71 -28.77 23.66 -14.05
N ASN C 72 -28.89 22.37 -13.74
CA ASN C 72 -27.99 21.74 -12.77
C ASN C 72 -26.54 21.71 -13.26
N ASN C 73 -26.34 21.34 -14.52
CA ASN C 73 -24.99 21.26 -15.11
C ASN C 73 -24.30 22.64 -15.07
N SER C 74 -25.04 23.67 -15.46
CA SER C 74 -24.54 25.05 -15.45
C SER C 74 -24.14 25.50 -14.04
N SER C 75 -25.01 25.23 -13.07
CA SER C 75 -24.75 25.63 -11.68
C SER C 75 -23.53 24.93 -11.08
N LEU C 76 -23.42 23.62 -11.31
CA LEU C 76 -22.28 22.84 -10.84
C LEU C 76 -20.98 23.17 -11.56
N ALA C 77 -21.07 23.42 -12.87
CA ALA C 77 -19.92 23.90 -13.63
C ALA C 77 -19.31 25.13 -12.95
N ASP C 78 -20.18 26.09 -12.61
CA ASP C 78 -19.76 27.30 -11.93
C ASP C 78 -19.15 27.01 -10.55
N LYS C 79 -19.89 26.27 -9.72
CA LYS C 79 -19.49 25.97 -8.34
C LYS C 79 -18.18 25.17 -8.25
N ILE C 80 -18.09 24.10 -9.05
CA ILE C 80 -16.93 23.22 -9.01
C ILE C 80 -15.68 23.92 -9.53
N THR C 81 -15.81 24.68 -10.61
CA THR C 81 -14.68 25.40 -11.19
C THR C 81 -14.09 26.42 -10.19
N LYS C 82 -14.98 27.12 -9.47
CA LYS C 82 -14.57 28.07 -8.45
CA LYS C 82 -14.58 28.06 -8.43
C LYS C 82 -13.83 27.38 -7.28
N ILE C 83 -14.35 26.23 -6.84
CA ILE C 83 -13.71 25.46 -5.78
C ILE C 83 -12.28 25.03 -6.19
N LEU C 84 -12.17 24.52 -7.41
CA LEU C 84 -10.89 24.05 -7.97
C LEU C 84 -9.88 25.19 -8.09
N SER C 85 -10.34 26.32 -8.61
CA SER C 85 -9.50 27.51 -8.72
CA SER C 85 -9.51 27.52 -8.72
C SER C 85 -9.03 28.00 -7.35
N ASN C 86 -9.95 28.04 -6.39
CA ASN C 86 -9.64 28.46 -5.02
CA ASN C 86 -9.62 28.47 -5.03
C ASN C 86 -8.65 27.52 -4.34
N HIS C 87 -8.95 26.22 -4.38
CA HIS C 87 -8.16 25.24 -3.64
C HIS C 87 -6.87 24.76 -4.31
N LEU C 88 -6.91 24.64 -5.64
CA LEU C 88 -5.79 24.09 -6.41
C LEU C 88 -4.99 25.13 -7.18
N GLY C 89 -5.55 26.32 -7.35
CA GLY C 89 -4.87 27.39 -8.09
C GLY C 89 -4.92 27.23 -9.59
N VAL C 90 -5.72 26.27 -10.06
CA VAL C 90 -5.94 26.07 -11.50
C VAL C 90 -6.68 27.28 -12.09
N LYS C 91 -6.35 27.66 -13.32
CA LYS C 91 -7.08 28.71 -14.01
CA LYS C 91 -7.07 28.71 -14.03
C LYS C 91 -8.41 28.13 -14.51
N PRO C 92 -9.50 28.92 -14.40
CA PRO C 92 -10.78 28.38 -14.91
C PRO C 92 -10.70 27.85 -16.35
N ARG C 93 -9.90 28.50 -17.20
CA ARG C 93 -9.75 28.10 -18.60
C ARG C 93 -9.05 26.75 -18.78
N ARG C 94 -8.54 26.18 -17.68
CA ARG C 94 -7.98 24.84 -17.71
C ARG C 94 -8.75 23.89 -16.78
N VAL C 95 -10.08 24.04 -16.81
CA VAL C 95 -10.99 23.14 -16.10
C VAL C 95 -12.06 22.67 -17.09
N TYR C 96 -12.09 21.36 -17.32
CA TYR C 96 -13.10 20.67 -18.12
C TYR C 96 -14.01 19.89 -17.17
N ILE C 97 -15.31 19.93 -17.40
CA ILE C 97 -16.25 19.10 -16.63
C ILE C 97 -17.22 18.35 -17.55
N GLU C 98 -17.25 17.03 -17.41
CA GLU C 98 -18.21 16.19 -18.14
C GLU C 98 -19.32 15.71 -17.22
N PHE C 99 -20.56 15.81 -17.69
CA PHE C 99 -21.74 15.36 -16.92
C PHE C 99 -22.32 14.11 -17.57
N ARG C 100 -22.54 13.08 -16.75
CA ARG C 100 -23.03 11.78 -17.23
C ARG C 100 -24.26 11.34 -16.43
N ASP C 101 -25.31 10.98 -17.16
CA ASP C 101 -26.52 10.42 -16.57
C ASP C 101 -26.40 8.90 -16.59
N CYS C 102 -26.98 8.25 -15.60
CA CYS C 102 -26.98 6.79 -15.52
C CYS C 102 -28.35 6.34 -15.03
N SER C 103 -28.88 5.26 -15.60
CA SER C 103 -30.14 4.68 -15.14
CA SER C 103 -30.14 4.70 -15.13
C SER C 103 -29.93 3.94 -13.83
N ALA C 104 -30.96 3.94 -12.98
CA ALA C 104 -30.95 3.26 -11.68
C ALA C 104 -30.70 1.76 -11.85
N GLN C 105 -31.24 1.21 -12.93
CA GLN C 105 -31.09 -0.20 -13.27
C GLN C 105 -29.65 -0.57 -13.65
N ASN C 106 -28.83 0.45 -13.97
CA ASN C 106 -27.45 0.24 -14.37
C ASN C 106 -26.47 0.66 -13.26
N PHE C 107 -26.94 0.64 -12.02
CA PHE C 107 -26.12 1.08 -10.89
C PHE C 107 -26.48 0.31 -9.63
N ALA C 108 -25.46 -0.23 -8.97
CA ALA C 108 -25.66 -1.05 -7.79
C ALA C 108 -24.99 -0.46 -6.55
N PHE C 109 -25.61 -0.73 -5.40
CA PHE C 109 -25.09 -0.34 -4.09
C PHE C 109 -25.34 -1.50 -3.14
N SER C 110 -24.31 -1.87 -2.38
CA SER C 110 -24.41 -2.97 -1.42
C SER C 110 -24.90 -4.28 -2.08
N GLY C 111 -24.48 -4.50 -3.33
CA GLY C 111 -24.77 -5.73 -4.06
C GLY C 111 -26.14 -5.84 -4.72
N SER C 112 -26.93 -4.77 -4.67
CA SER C 112 -28.26 -4.73 -5.27
C SER C 112 -28.42 -3.49 -6.17
N LEU C 113 -29.14 -3.64 -7.28
CA LEU C 113 -29.45 -2.51 -8.16
C LEU C 113 -30.30 -1.48 -7.44
N PHE C 114 -30.04 -0.20 -7.69
CA PHE C 114 -30.91 0.88 -7.23
C PHE C 114 -32.26 0.80 -7.94
N GLY C 115 -33.27 1.42 -7.35
CA GLY C 115 -34.59 1.53 -7.95
C GLY C 115 -35.49 0.35 -7.61
N LEU C 116 -36.73 0.39 -8.11
CA LEU C 116 -37.70 -0.68 -7.86
C LEU C 116 -37.90 -1.58 -9.09
N GLU C 117 -38.24 -0.95 -10.24
CA GLU C 117 -38.38 -1.59 -11.56
C GLU C 117 -40.05 -2.35 -11.81
N PRO D 1 18.83 6.87 19.03
CA PRO D 1 19.14 5.51 18.60
C PRO D 1 18.41 4.48 19.45
N CYS D 2 18.26 3.27 18.92
CA CYS D 2 17.61 2.17 19.61
C CYS D 2 18.56 0.98 19.67
N CYS D 3 18.78 0.47 20.87
CA CYS D 3 19.66 -0.68 21.05
C CYS D 3 18.90 -1.86 21.67
N GLU D 4 18.59 -2.85 20.83
CA GLU D 4 17.85 -4.02 21.27
C GLU D 4 18.79 -5.17 21.54
N LEU D 5 18.90 -5.56 22.81
CA LEU D 5 19.69 -6.73 23.18
C LEU D 5 18.75 -7.90 23.40
N ILE D 6 19.04 -9.00 22.69
CA ILE D 6 18.30 -10.25 22.80
C ILE D 6 19.30 -11.32 23.23
N THR D 7 19.00 -11.99 24.34
CA THR D 7 19.95 -12.94 24.92
C THR D 7 19.24 -14.05 25.69
N ASN D 8 19.86 -15.23 25.71
CA ASN D 8 19.40 -16.35 26.53
C ASN D 8 20.06 -16.39 27.91
N ILE D 9 20.75 -15.31 28.27
CA ILE D 9 21.39 -15.22 29.58
C ILE D 9 20.49 -14.47 30.57
N SER D 10 20.18 -15.15 31.66
CA SER D 10 19.33 -14.60 32.70
C SER D 10 20.17 -13.89 33.76
N ILE D 11 19.92 -12.59 33.95
CA ILE D 11 20.51 -11.86 35.08
C ILE D 11 19.42 -11.02 35.74
N PRO D 12 19.58 -10.69 37.04
CA PRO D 12 18.58 -9.87 37.73
C PRO D 12 18.42 -8.48 37.10
N ASP D 13 17.24 -7.89 37.30
CA ASP D 13 16.87 -6.61 36.70
C ASP D 13 17.87 -5.47 36.90
N ASP D 14 18.39 -5.35 38.12
CA ASP D 14 19.38 -4.31 38.42
C ASP D 14 20.65 -4.49 37.59
N LYS D 15 21.09 -5.74 37.44
CA LYS D 15 22.27 -6.09 36.64
CA LYS D 15 22.28 -6.04 36.65
C LYS D 15 22.01 -5.86 35.16
N ALA D 16 20.81 -6.25 34.71
CA ALA D 16 20.40 -6.04 33.33
C ALA D 16 20.47 -4.55 32.98
N GLN D 17 19.87 -3.71 33.80
CA GLN D 17 19.84 -2.27 33.55
C GLN D 17 21.20 -1.61 33.66
N ASN D 18 22.03 -2.18 34.50
N ASN D 18 22.09 -2.14 34.51
CA ASN D 18 23.38 -1.77 34.65
CA ASN D 18 23.49 -1.65 34.59
C ASN D 18 24.19 -1.93 33.35
C ASN D 18 24.23 -1.90 33.28
N ALA D 19 24.07 -3.11 32.73
CA ALA D 19 24.67 -3.42 31.42
C ALA D 19 24.14 -2.47 30.32
N LEU D 20 22.84 -2.22 30.33
CA LEU D 20 22.22 -1.29 29.38
C LEU D 20 22.75 0.13 29.56
N SER D 21 22.91 0.54 30.82
CA SER D 21 23.44 1.86 31.14
C SER D 21 24.84 2.07 30.54
N GLU D 22 25.69 1.04 30.63
CA GLU D 22 27.03 1.10 30.07
C GLU D 22 27.00 1.14 28.54
N ILE D 23 26.09 0.39 27.94
CA ILE D 23 25.88 0.41 26.49
C ILE D 23 25.40 1.80 26.03
N GLU D 24 24.43 2.37 26.74
CA GLU D 24 23.94 3.73 26.44
C GLU D 24 25.09 4.73 26.45
N ASP D 25 25.95 4.63 27.47
CA ASP D 25 27.12 5.49 27.56
CA ASP D 25 27.13 5.49 27.56
C ASP D 25 28.03 5.34 26.33
N ALA D 26 28.26 4.10 25.92
CA ALA D 26 29.09 3.82 24.73
C ALA D 26 28.50 4.45 23.47
N ILE D 27 27.20 4.21 23.26
CA ILE D 27 26.46 4.75 22.12
C ILE D 27 26.54 6.28 22.10
N SER D 28 26.26 6.90 23.24
CA SER D 28 26.31 8.35 23.39
C SER D 28 27.68 8.91 23.00
N ASN D 29 28.75 8.26 23.49
CA ASN D 29 30.12 8.68 23.19
CA ASN D 29 30.11 8.68 23.20
C ASN D 29 30.46 8.57 21.71
N VAL D 30 30.30 7.37 21.14
CA VAL D 30 30.67 7.12 19.74
C VAL D 30 29.83 7.91 18.73
N LEU D 31 28.52 7.90 18.92
CA LEU D 31 27.61 8.55 17.96
C LEU D 31 27.50 10.04 18.18
N GLY D 32 27.97 10.51 19.33
CA GLY D 32 27.86 11.93 19.69
C GLY D 32 26.41 12.36 19.87
N LYS D 33 25.61 11.48 20.44
CA LYS D 33 24.19 11.74 20.65
C LYS D 33 23.87 11.74 22.14
N PRO D 34 23.01 12.67 22.60
CA PRO D 34 22.65 12.69 24.01
C PRO D 34 21.89 11.42 24.44
N VAL D 35 22.10 11.02 25.69
CA VAL D 35 21.35 9.92 26.29
C VAL D 35 19.84 10.11 26.10
N ALA D 36 19.42 11.38 26.07
CA ALA D 36 18.01 11.75 25.86
C ALA D 36 17.38 11.10 24.63
N TYR D 37 18.20 10.73 23.65
CA TYR D 37 17.69 10.13 22.42
C TYR D 37 17.89 8.61 22.32
N ILE D 38 18.47 8.02 23.35
CA ILE D 38 18.81 6.60 23.33
C ILE D 38 17.77 5.72 24.02
N MET D 39 17.25 4.76 23.27
CA MET D 39 16.46 3.66 23.80
C MET D 39 17.36 2.43 23.93
N SER D 40 17.17 1.65 24.98
CA SER D 40 17.83 0.34 25.10
C SER D 40 16.91 -0.68 25.75
N ASN D 41 17.17 -1.96 25.45
CA ASN D 41 16.40 -3.05 26.04
C ASN D 41 17.20 -4.33 26.21
N TYR D 42 16.89 -5.04 27.28
CA TYR D 42 17.44 -6.35 27.56
C TYR D 42 16.26 -7.33 27.44
N ASP D 43 16.21 -8.07 26.34
CA ASP D 43 15.11 -9.01 26.09
C ASP D 43 15.58 -10.44 26.36
N TYR D 44 15.14 -10.97 27.50
CA TYR D 44 15.47 -12.33 27.88
C TYR D 44 14.67 -13.35 27.07
N GLN D 45 15.39 -14.08 26.23
CA GLN D 45 14.80 -15.04 25.30
C GLN D 45 15.45 -16.39 25.52
N LYS D 46 14.83 -17.20 26.40
CA LYS D 46 15.44 -18.44 26.89
C LYS D 46 15.77 -19.49 25.83
N ASN D 47 15.02 -19.46 24.71
CA ASN D 47 15.18 -20.45 23.66
C ASN D 47 16.08 -20.01 22.51
N LEU D 48 16.71 -18.85 22.68
CA LEU D 48 17.60 -18.29 21.67
C LEU D 48 18.76 -19.24 21.41
N ARG D 49 19.05 -19.44 20.11
CA ARG D 49 20.09 -20.36 19.66
C ARG D 49 21.09 -19.67 18.74
N PHE D 50 22.33 -20.15 18.78
CA PHE D 50 23.33 -19.77 17.80
C PHE D 50 24.26 -20.96 17.54
N SER D 51 24.68 -21.10 16.29
CA SER D 51 25.57 -22.18 15.87
CA SER D 51 25.55 -22.19 15.84
C SER D 51 25.05 -23.56 16.29
N GLY D 52 23.72 -23.72 16.30
CA GLY D 52 23.09 -25.00 16.63
C GLY D 52 23.02 -25.35 18.10
N SER D 53 23.20 -24.37 18.98
CA SER D 53 23.13 -24.63 20.43
C SER D 53 22.47 -23.50 21.22
N ASN D 54 21.98 -23.87 22.40
CA ASN D 54 21.30 -22.97 23.31
C ASN D 54 22.28 -22.38 24.34
N GLU D 55 23.59 -22.49 24.08
CA GLU D 55 24.64 -21.92 24.93
CA GLU D 55 24.59 -21.93 24.98
C GLU D 55 24.49 -20.40 24.99
N GLY D 56 24.96 -19.79 26.07
CA GLY D 56 24.94 -18.34 26.24
C GLY D 56 25.28 -17.59 24.96
N TYR D 57 24.41 -16.65 24.59
CA TYR D 57 24.56 -15.93 23.32
C TYR D 57 23.84 -14.58 23.37
N CYS D 58 24.37 -13.59 22.66
CA CYS D 58 23.75 -12.28 22.53
C CYS D 58 23.63 -11.85 21.09
N PHE D 59 22.45 -11.34 20.72
CA PHE D 59 22.27 -10.60 19.48
C PHE D 59 21.84 -9.17 19.81
N VAL D 60 22.53 -8.21 19.21
CA VAL D 60 22.22 -6.79 19.40
C VAL D 60 21.82 -6.16 18.06
N ARG D 61 20.72 -5.41 18.07
CA ARG D 61 20.36 -4.59 16.92
C ARG D 61 20.39 -3.12 17.31
N LEU D 62 21.28 -2.37 16.68
CA LEU D 62 21.39 -0.94 16.92
C LEU D 62 20.89 -0.17 15.70
N THR D 63 19.82 0.58 15.90
CA THR D 63 19.23 1.43 14.88
C THR D 63 19.52 2.88 15.23
N SER D 64 19.96 3.64 14.22
CA SER D 64 20.25 5.05 14.43
C SER D 64 19.87 5.89 13.21
N ILE D 65 19.53 7.15 13.45
CA ILE D 65 19.34 8.12 12.38
C ILE D 65 20.69 8.79 12.14
N GLY D 66 21.43 8.26 11.17
CA GLY D 66 22.80 8.69 10.90
C GLY D 66 23.80 8.04 11.84
N GLY D 67 25.09 8.23 11.56
CA GLY D 67 26.15 7.68 12.38
C GLY D 67 26.41 6.19 12.16
N ILE D 68 25.76 5.61 11.16
CA ILE D 68 26.03 4.24 10.74
C ILE D 68 27.09 4.28 9.64
N ASN D 69 28.31 3.98 10.03
CA ASN D 69 29.47 3.97 9.13
C ASN D 69 30.54 3.05 9.68
N ARG D 70 31.58 2.77 8.88
CA ARG D 70 32.61 1.81 9.28
C ARG D 70 33.25 2.16 10.63
N SER D 71 33.67 3.40 10.79
CA SER D 71 34.36 3.84 12.00
C SER D 71 33.48 3.70 13.25
N ASN D 72 32.25 4.19 13.17
CA ASN D 72 31.32 4.08 14.30
C ASN D 72 30.94 2.64 14.60
N ASN D 73 30.59 1.89 13.55
CA ASN D 73 30.20 0.48 13.70
C ASN D 73 31.31 -0.34 14.35
N SER D 74 32.54 -0.17 13.86
CA SER D 74 33.71 -0.87 14.39
C SER D 74 33.94 -0.53 15.87
N SER D 75 33.89 0.76 16.19
CA SER D 75 34.08 1.21 17.57
C SER D 75 33.01 0.64 18.51
N LEU D 76 31.74 0.75 18.11
CA LEU D 76 30.65 0.25 18.94
C LEU D 76 30.61 -1.27 19.02
N ALA D 77 30.96 -1.95 17.94
CA ALA D 77 31.07 -3.40 17.94
C ALA D 77 32.02 -3.87 19.05
N ASP D 78 33.17 -3.20 19.13
CA ASP D 78 34.16 -3.51 20.15
C ASP D 78 33.62 -3.21 21.55
N LYS D 79 33.16 -1.99 21.75
CA LYS D 79 32.72 -1.52 23.07
C LYS D 79 31.55 -2.32 23.63
N ILE D 80 30.55 -2.58 22.79
CA ILE D 80 29.36 -3.34 23.20
C ILE D 80 29.69 -4.81 23.51
N THR D 81 30.49 -5.45 22.65
CA THR D 81 30.89 -6.84 22.87
C THR D 81 31.65 -7.00 24.18
N LYS D 82 32.53 -6.04 24.49
CA LYS D 82 33.27 -6.03 25.77
CA LYS D 82 33.27 -6.05 25.76
C LYS D 82 32.31 -5.93 26.95
N ILE D 83 31.36 -5.00 26.87
CA ILE D 83 30.37 -4.81 27.94
C ILE D 83 29.59 -6.11 28.18
N LEU D 84 29.12 -6.72 27.10
CA LEU D 84 28.35 -7.96 27.21
C LEU D 84 29.16 -9.12 27.80
N SER D 85 30.41 -9.25 27.37
CA SER D 85 31.29 -10.29 27.90
CA SER D 85 31.31 -10.28 27.89
C SER D 85 31.58 -10.09 29.38
N ASN D 86 31.87 -8.84 29.76
CA ASN D 86 32.12 -8.48 31.16
C ASN D 86 30.89 -8.65 32.06
N HIS D 87 29.74 -8.15 31.60
CA HIS D 87 28.54 -8.11 32.45
C HIS D 87 27.72 -9.40 32.44
N LEU D 88 27.68 -10.08 31.30
CA LEU D 88 26.82 -11.25 31.11
C LEU D 88 27.59 -12.58 31.10
N GLY D 89 28.91 -12.51 30.94
CA GLY D 89 29.74 -13.72 30.87
C GLY D 89 29.68 -14.41 29.51
N VAL D 90 29.06 -13.77 28.53
CA VAL D 90 28.95 -14.34 27.19
C VAL D 90 30.32 -14.38 26.50
N LYS D 91 30.56 -15.43 25.71
CA LYS D 91 31.76 -15.52 24.90
CA LYS D 91 31.76 -15.52 24.90
C LYS D 91 31.65 -14.56 23.72
N PRO D 92 32.73 -13.80 23.43
CA PRO D 92 32.71 -12.90 22.27
C PRO D 92 32.28 -13.59 20.97
N ARG D 93 32.69 -14.84 20.77
CA ARG D 93 32.30 -15.60 19.58
C ARG D 93 30.82 -16.00 19.56
N ARG D 94 30.09 -15.59 20.60
CA ARG D 94 28.63 -15.76 20.64
C ARG D 94 27.95 -14.40 20.83
N VAL D 95 28.49 -13.40 20.15
CA VAL D 95 27.88 -12.07 20.08
C VAL D 95 27.80 -11.60 18.64
N TYR D 96 26.56 -11.35 18.21
CA TYR D 96 26.27 -10.75 16.91
C TYR D 96 25.73 -9.34 17.15
N ILE D 97 26.12 -8.40 16.30
CA ILE D 97 25.56 -7.05 16.36
C ILE D 97 25.22 -6.57 14.95
N GLU D 98 23.97 -6.18 14.75
CA GLU D 98 23.51 -5.62 13.48
C GLU D 98 23.35 -4.10 13.59
N PHE D 99 23.87 -3.38 12.61
CA PHE D 99 23.73 -1.93 12.55
C PHE D 99 22.74 -1.54 11.46
N ARG D 100 21.75 -0.73 11.83
CA ARG D 100 20.68 -0.31 10.92
C ARG D 100 20.58 1.19 10.90
N ASP D 101 20.62 1.76 9.70
CA ASP D 101 20.40 3.19 9.51
C ASP D 101 18.90 3.39 9.29
N CYS D 102 18.39 4.54 9.70
CA CYS D 102 16.99 4.88 9.49
C CYS D 102 16.90 6.35 9.10
N SER D 103 16.03 6.65 8.13
CA SER D 103 15.81 8.01 7.68
C SER D 103 15.04 8.79 8.73
N ALA D 104 15.35 10.08 8.87
CA ALA D 104 14.66 10.96 9.82
C ALA D 104 13.17 11.07 9.48
N GLN D 105 12.87 10.97 8.19
CA GLN D 105 11.50 10.96 7.67
C GLN D 105 10.71 9.71 8.12
N ASN D 106 11.44 8.64 8.45
CA ASN D 106 10.83 7.36 8.81
C ASN D 106 10.90 7.08 10.31
N PHE D 107 10.99 8.15 11.11
CA PHE D 107 11.08 8.02 12.56
C PHE D 107 10.32 9.16 13.23
N ALA D 108 9.52 8.81 14.22
CA ALA D 108 8.74 9.80 14.96
C ALA D 108 9.06 9.78 16.45
N PHE D 109 8.94 10.96 17.06
CA PHE D 109 9.16 11.17 18.48
C PHE D 109 8.12 12.17 18.96
N SER D 110 7.47 11.85 20.06
CA SER D 110 6.44 12.72 20.67
C SER D 110 5.30 13.09 19.71
N GLY D 111 4.94 12.15 18.83
CA GLY D 111 3.80 12.34 17.93
C GLY D 111 4.07 13.02 16.59
N SER D 112 5.33 13.37 16.34
CA SER D 112 5.74 14.04 15.11
CA SER D 112 5.72 14.00 15.08
C SER D 112 7.04 13.43 14.55
N LEU D 113 7.21 13.51 13.23
CA LEU D 113 8.42 13.01 12.56
C LEU D 113 9.65 13.81 12.99
N PHE D 114 10.80 13.14 13.07
CA PHE D 114 12.08 13.80 13.37
C PHE D 114 12.45 14.84 12.32
N GLY D 115 13.03 15.95 12.78
CA GLY D 115 13.44 17.05 11.90
C GLY D 115 14.67 16.72 11.08
N PRO E 1 23.26 -15.91 9.41
CA PRO E 1 21.94 -15.28 9.34
C PRO E 1 21.22 -15.27 10.68
N CYS E 2 20.16 -14.47 10.77
CA CYS E 2 19.35 -14.40 11.99
C CYS E 2 17.90 -14.71 11.65
N CYS E 3 17.30 -15.63 12.39
CA CYS E 3 15.91 -16.02 12.17
C CYS E 3 15.07 -15.82 13.43
N GLU E 4 14.25 -14.76 13.43
CA GLU E 4 13.40 -14.45 14.57
C GLU E 4 12.00 -14.98 14.32
N LEU E 5 11.58 -15.97 15.10
CA LEU E 5 10.19 -16.40 15.09
C LEU E 5 9.43 -15.75 16.22
N ILE E 6 8.35 -15.06 15.87
CA ILE E 6 7.46 -14.45 16.86
C ILE E 6 6.09 -15.12 16.71
N THR E 7 5.61 -15.70 17.79
CA THR E 7 4.38 -16.49 17.73
C THR E 7 3.62 -16.46 19.05
N ASN E 8 2.29 -16.58 18.96
CA ASN E 8 1.43 -16.73 20.12
C ASN E 8 1.14 -18.21 20.42
N ILE E 9 1.91 -19.10 19.81
CA ILE E 9 1.73 -20.55 19.98
C ILE E 9 2.66 -21.07 21.08
N SER E 10 2.07 -21.80 22.02
CA SER E 10 2.74 -22.24 23.23
C SER E 10 3.11 -23.72 23.14
N ILE E 11 4.42 -24.00 23.16
CA ILE E 11 4.94 -25.37 23.22
C ILE E 11 6.14 -25.41 24.20
N PRO E 12 6.43 -26.58 24.79
CA PRO E 12 7.58 -26.70 25.69
C PRO E 12 8.93 -26.42 25.01
N ASP E 13 9.92 -26.02 25.81
CA ASP E 13 11.21 -25.57 25.31
C ASP E 13 11.93 -26.54 24.36
N ASP E 14 11.91 -27.83 24.69
CA ASP E 14 12.59 -28.85 23.88
C ASP E 14 11.98 -28.93 22.48
N LYS E 15 10.66 -28.78 22.41
CA LYS E 15 9.94 -28.81 21.15
C LYS E 15 10.13 -27.52 20.35
N ALA E 16 10.25 -26.39 21.06
CA ALA E 16 10.60 -25.12 20.42
C ALA E 16 11.99 -25.21 19.80
N GLN E 17 12.95 -25.78 20.53
CA GLN E 17 14.31 -26.01 20.02
C GLN E 17 14.32 -26.88 18.77
N ASN E 18 13.50 -27.95 18.78
CA ASN E 18 13.38 -28.85 17.64
C ASN E 18 12.88 -28.14 16.39
N ALA E 19 11.86 -27.30 16.56
CA ALA E 19 11.30 -26.53 15.45
C ALA E 19 12.34 -25.57 14.85
N LEU E 20 13.04 -24.86 15.74
CA LEU E 20 14.13 -23.96 15.36
C LEU E 20 15.27 -24.67 14.63
N SER E 21 15.66 -25.85 15.13
CA SER E 21 16.71 -26.66 14.51
C SER E 21 16.40 -27.03 13.05
N GLU E 22 15.15 -27.43 12.80
CA GLU E 22 14.70 -27.76 11.44
C GLU E 22 14.67 -26.52 10.54
N ILE E 23 14.26 -25.38 11.09
CA ILE E 23 14.29 -24.12 10.35
C ILE E 23 15.74 -23.74 9.99
N GLU E 24 16.66 -23.92 10.94
CA GLU E 24 18.09 -23.70 10.73
C GLU E 24 18.63 -24.53 9.56
N ASP E 25 18.23 -25.80 9.52
CA ASP E 25 18.65 -26.72 8.47
C ASP E 25 18.14 -26.28 7.11
N ALA E 26 16.89 -25.81 7.06
CA ALA E 26 16.31 -25.27 5.82
C ALA E 26 17.07 -24.03 5.35
N ILE E 27 17.34 -23.10 6.28
CA ILE E 27 18.10 -21.89 5.97
C ILE E 27 19.50 -22.24 5.43
N SER E 28 20.17 -23.15 6.13
CA SER E 28 21.51 -23.59 5.77
C SER E 28 21.55 -24.19 4.36
N ASN E 29 20.55 -25.02 4.04
CA ASN E 29 20.44 -25.64 2.73
CA ASN E 29 20.45 -25.64 2.72
C ASN E 29 20.25 -24.63 1.60
N VAL E 30 19.26 -23.76 1.75
CA VAL E 30 18.91 -22.79 0.70
C VAL E 30 19.98 -21.70 0.52
N LEU E 31 20.44 -21.12 1.64
CA LEU E 31 21.39 -20.01 1.58
C LEU E 31 22.85 -20.46 1.33
N GLY E 32 23.10 -21.75 1.45
CA GLY E 32 24.46 -22.29 1.33
C GLY E 32 25.37 -21.76 2.44
N LYS E 33 24.83 -21.64 3.65
CA LYS E 33 25.59 -21.17 4.80
C LYS E 33 25.49 -22.19 5.94
N PRO E 34 26.61 -22.47 6.63
CA PRO E 34 26.57 -23.45 7.72
C PRO E 34 25.74 -22.99 8.92
N VAL E 35 25.25 -23.98 9.67
CA VAL E 35 24.49 -23.75 10.90
C VAL E 35 25.34 -22.95 11.89
N ALA E 36 26.66 -23.14 11.81
CA ALA E 36 27.64 -22.35 12.56
C ALA E 36 27.39 -20.84 12.52
N TYR E 37 26.81 -20.34 11.42
CA TYR E 37 26.56 -18.90 11.25
C TYR E 37 25.12 -18.48 11.51
N ILE E 38 24.28 -19.43 11.92
CA ILE E 38 22.85 -19.18 12.06
C ILE E 38 22.40 -18.96 13.50
N MET E 39 21.78 -17.80 13.73
CA MET E 39 21.04 -17.52 14.96
C MET E 39 19.56 -17.80 14.72
N SER E 40 18.89 -18.38 15.72
CA SER E 40 17.43 -18.51 15.67
C SER E 40 16.79 -18.29 17.04
N ASN E 41 15.52 -17.90 17.04
CA ASN E 41 14.78 -17.66 18.27
C ASN E 41 13.30 -17.97 18.16
N TYR E 42 12.73 -18.43 19.27
CA TYR E 42 11.30 -18.66 19.40
C TYR E 42 10.83 -17.67 20.45
N ASP E 43 10.18 -16.60 19.99
CA ASP E 43 9.66 -15.58 20.88
C ASP E 43 8.16 -15.75 21.10
N TYR E 44 7.80 -16.29 22.27
CA TYR E 44 6.41 -16.48 22.66
C TYR E 44 5.76 -15.15 23.06
N GLN E 45 4.79 -14.73 22.26
CA GLN E 45 4.11 -13.46 22.45
C GLN E 45 2.60 -13.69 22.48
N LYS E 46 2.07 -13.91 23.69
CA LYS E 46 0.68 -14.35 23.87
C LYS E 46 -0.37 -13.36 23.34
N ASN E 47 0.00 -12.08 23.24
CA ASN E 47 -0.95 -11.05 22.78
C ASN E 47 -0.88 -10.75 21.29
N LEU E 48 -0.12 -11.56 20.56
CA LEU E 48 0.05 -11.38 19.11
C LEU E 48 -1.28 -11.52 18.38
N ARG E 49 -1.50 -10.63 17.43
CA ARG E 49 -2.74 -10.59 16.64
C ARG E 49 -2.42 -10.61 15.16
N PHE E 50 -3.31 -11.24 14.39
CA PHE E 50 -3.30 -11.14 12.94
C PHE E 50 -4.72 -11.23 12.43
N SER E 51 -5.04 -10.41 11.44
CA SER E 51 -6.37 -10.38 10.86
C SER E 51 -7.45 -10.14 11.92
N GLY E 52 -7.12 -9.30 12.90
CA GLY E 52 -8.07 -8.91 13.95
C GLY E 52 -8.36 -9.94 15.02
N SER E 53 -7.52 -10.97 15.12
CA SER E 53 -7.74 -12.00 16.14
C SER E 53 -6.46 -12.54 16.77
N ASN E 54 -6.65 -13.19 17.93
CA ASN E 54 -5.55 -13.75 18.71
CA ASN E 54 -5.60 -13.80 18.73
C ASN E 54 -5.36 -15.26 18.39
N GLU E 55 -5.88 -15.69 17.25
CA GLU E 55 -5.74 -17.09 16.81
CA GLU E 55 -5.74 -17.09 16.78
C GLU E 55 -4.27 -17.41 16.51
N GLY E 56 -3.89 -18.68 16.67
CA GLY E 56 -2.52 -19.15 16.41
C GLY E 56 -1.93 -18.51 15.15
N TYR E 57 -0.75 -17.90 15.30
CA TYR E 57 -0.12 -17.13 14.22
C TYR E 57 1.39 -17.08 14.41
N CYS E 58 2.11 -17.02 13.28
CA CYS E 58 3.57 -16.93 13.26
C CYS E 58 4.04 -15.81 12.34
N PHE E 59 4.98 -15.00 12.85
CA PHE E 59 5.73 -14.07 12.02
C PHE E 59 7.22 -14.41 12.14
N VAL E 60 7.87 -14.56 10.99
CA VAL E 60 9.31 -14.82 10.95
C VAL E 60 10.03 -13.68 10.27
N ARG E 61 11.13 -13.22 10.87
CA ARG E 61 12.00 -12.24 10.25
C ARG E 61 13.37 -12.88 10.03
N LEU E 62 13.74 -13.04 8.76
CA LEU E 62 15.02 -13.62 8.42
C LEU E 62 15.96 -12.56 7.87
N THR E 63 17.08 -12.35 8.58
CA THR E 63 18.09 -11.39 8.16
C THR E 63 19.32 -12.16 7.75
N SER E 64 19.88 -11.78 6.59
CA SER E 64 21.05 -12.46 6.05
C SER E 64 21.97 -11.51 5.31
N ILE E 65 23.28 -11.78 5.39
CA ILE E 65 24.26 -11.07 4.59
C ILE E 65 24.32 -11.75 3.22
N GLY E 66 23.57 -11.22 2.27
CA GLY E 66 23.44 -11.82 0.94
C GLY E 66 22.45 -12.97 0.94
N GLY E 67 22.14 -13.47 -0.25
CA GLY E 67 21.23 -14.61 -0.41
C GLY E 67 19.76 -14.22 -0.32
N ILE E 68 19.49 -12.92 -0.24
CA ILE E 68 18.12 -12.41 -0.28
C ILE E 68 17.76 -12.07 -1.73
N ASN E 69 16.97 -12.95 -2.33
CA ASN E 69 16.56 -12.83 -3.73
C ASN E 69 15.30 -13.66 -3.95
N ARG E 70 14.65 -13.49 -5.10
CA ARG E 70 13.37 -14.14 -5.36
C ARG E 70 13.42 -15.66 -5.18
N SER E 71 14.40 -16.30 -5.81
CA SER E 71 14.53 -17.75 -5.77
C SER E 71 14.71 -18.29 -4.34
N ASN E 72 15.65 -17.72 -3.59
CA ASN E 72 15.88 -18.11 -2.19
C ASN E 72 14.69 -17.80 -1.29
N ASN E 73 14.14 -16.59 -1.42
CA ASN E 73 13.00 -16.17 -0.63
C ASN E 73 11.80 -17.09 -0.82
N SER E 74 11.52 -17.42 -2.09
CA SER E 74 10.41 -18.32 -2.44
C SER E 74 10.59 -19.71 -1.82
N SER E 75 11.81 -20.24 -1.94
CA SER E 75 12.14 -21.57 -1.43
C SER E 75 11.96 -21.65 0.09
N LEU E 76 12.54 -20.69 0.78
CA LEU E 76 12.47 -20.63 2.24
C LEU E 76 11.08 -20.31 2.75
N ALA E 77 10.33 -19.49 2.01
CA ALA E 77 8.95 -19.19 2.39
C ALA E 77 8.13 -20.47 2.39
N ASP E 78 8.33 -21.28 1.35
CA ASP E 78 7.69 -22.59 1.23
C ASP E 78 8.12 -23.52 2.38
N LYS E 79 9.43 -23.68 2.54
CA LYS E 79 9.99 -24.62 3.52
C LYS E 79 9.65 -24.24 4.96
N ILE E 80 9.89 -22.97 5.32
CA ILE E 80 9.67 -22.51 6.69
C ILE E 80 8.19 -22.57 7.09
N THR E 81 7.29 -22.18 6.18
CA THR E 81 5.86 -22.21 6.47
C THR E 81 5.39 -23.65 6.75
N LYS E 82 5.86 -24.61 5.94
CA LYS E 82 5.56 -26.02 6.18
C LYS E 82 6.12 -26.54 7.51
N ILE E 83 7.35 -26.15 7.85
CA ILE E 83 7.94 -26.55 9.15
C ILE E 83 7.07 -26.05 10.30
N LEU E 84 6.64 -24.79 10.19
CA LEU E 84 5.80 -24.18 11.22
C LEU E 84 4.45 -24.87 11.36
N SER E 85 3.81 -25.16 10.23
CA SER E 85 2.53 -25.87 10.25
C SER E 85 2.69 -27.25 10.88
N ASN E 86 3.78 -27.93 10.51
CA ASN E 86 4.07 -29.27 11.02
CA ASN E 86 4.08 -29.27 11.01
C ASN E 86 4.34 -29.26 12.53
N HIS E 87 5.18 -28.35 12.98
CA HIS E 87 5.60 -28.31 14.39
C HIS E 87 4.69 -27.52 15.33
N LEU E 88 4.02 -26.49 14.80
CA LEU E 88 3.24 -25.59 15.65
C LEU E 88 1.73 -25.69 15.42
N GLY E 89 1.32 -26.36 14.35
CA GLY E 89 -0.10 -26.49 14.01
C GLY E 89 -0.69 -25.23 13.40
N VAL E 90 0.15 -24.25 13.11
CA VAL E 90 -0.31 -22.97 12.55
C VAL E 90 -0.86 -23.16 11.14
N LYS E 91 -1.96 -22.47 10.83
CA LYS E 91 -2.48 -22.40 9.48
C LYS E 91 -1.50 -21.65 8.60
N PRO E 92 -1.24 -22.14 7.37
CA PRO E 92 -0.41 -21.41 6.41
C PRO E 92 -0.88 -19.97 6.22
N ARG E 93 -2.20 -19.76 6.20
CA ARG E 93 -2.75 -18.41 6.04
C ARG E 93 -2.64 -17.56 7.32
N ARG E 94 -1.95 -18.09 8.33
CA ARG E 94 -1.56 -17.31 9.51
C ARG E 94 -0.04 -17.35 9.74
N VAL E 95 0.71 -17.35 8.64
CA VAL E 95 2.17 -17.24 8.66
C VAL E 95 2.64 -16.11 7.74
N TYR E 96 3.35 -15.15 8.32
CA TYR E 96 4.05 -14.09 7.60
C TYR E 96 5.56 -14.35 7.70
N ILE E 97 6.28 -14.12 6.60
CA ILE E 97 7.75 -14.17 6.64
C ILE E 97 8.36 -12.94 5.95
N GLU E 98 9.20 -12.22 6.68
CA GLU E 98 9.93 -11.08 6.14
C GLU E 98 11.40 -11.42 5.90
N PHE E 99 11.90 -11.06 4.72
CA PHE E 99 13.31 -11.28 4.37
C PHE E 99 14.07 -9.95 4.36
N ARG E 100 15.20 -9.92 5.06
CA ARG E 100 16.01 -8.71 5.19
C ARG E 100 17.46 -8.98 4.80
N ASP E 101 17.97 -8.13 3.90
CA ASP E 101 19.37 -8.17 3.50
C ASP E 101 20.14 -7.23 4.42
N CYS E 102 21.37 -7.60 4.76
CA CYS E 102 22.22 -6.74 5.57
C CYS E 102 23.62 -6.72 4.97
N SER E 103 24.22 -5.52 4.93
CA SER E 103 25.59 -5.37 4.46
CA SER E 103 25.59 -5.35 4.47
C SER E 103 26.58 -5.89 5.51
N ALA E 104 27.64 -6.54 5.03
CA ALA E 104 28.71 -7.04 5.90
C ALA E 104 29.33 -5.91 6.74
N GLN E 105 29.37 -4.71 6.17
CA GLN E 105 29.88 -3.52 6.86
C GLN E 105 29.00 -3.12 8.06
N ASN E 106 27.75 -3.59 8.03
CA ASN E 106 26.76 -3.26 9.07
C ASN E 106 26.45 -4.45 9.99
N PHE E 107 27.40 -5.37 10.10
CA PHE E 107 27.22 -6.56 10.94
C PHE E 107 28.53 -6.96 11.60
N ALA E 108 28.49 -7.14 12.92
CA ALA E 108 29.66 -7.50 13.69
C ALA E 108 29.54 -8.88 14.33
N PHE E 109 30.69 -9.51 14.51
CA PHE E 109 30.81 -10.81 15.13
C PHE E 109 32.05 -10.77 16.00
N SER E 110 31.92 -11.19 17.26
CA SER E 110 33.05 -11.23 18.18
C SER E 110 33.78 -9.88 18.30
N GLY E 111 33.02 -8.79 18.18
CA GLY E 111 33.55 -7.44 18.40
C GLY E 111 34.16 -6.76 17.19
N SER E 112 34.05 -7.41 16.03
CA SER E 112 34.60 -6.88 14.78
C SER E 112 33.62 -7.04 13.62
N LEU E 113 33.64 -6.07 12.71
CA LEU E 113 32.77 -6.09 11.52
C LEU E 113 33.17 -7.19 10.54
N PHE E 114 32.16 -7.80 9.90
CA PHE E 114 32.40 -8.72 8.79
C PHE E 114 32.97 -8.00 7.57
N GLY E 115 33.67 -8.76 6.73
CA GLY E 115 34.34 -8.25 5.53
C GLY E 115 33.83 -6.94 4.94
N PRO F 1 0.77 -5.29 6.82
CA PRO F 1 1.73 -4.58 7.67
C PRO F 1 1.96 -5.33 8.97
N CYS F 2 3.06 -5.00 9.65
CA CYS F 2 3.33 -5.52 10.99
C CYS F 2 3.58 -4.37 11.96
N CYS F 3 2.88 -4.40 13.09
CA CYS F 3 3.02 -3.34 14.07
C CYS F 3 3.48 -3.92 15.40
N GLU F 4 4.76 -3.71 15.70
CA GLU F 4 5.38 -4.23 16.92
C GLU F 4 5.44 -3.14 17.98
N LEU F 5 4.57 -3.23 18.99
CA LEU F 5 4.67 -2.34 20.15
C LEU F 5 5.52 -3.00 21.22
N ILE F 6 6.53 -2.26 21.67
CA ILE F 6 7.41 -2.71 22.74
C ILE F 6 7.34 -1.67 23.84
N THR F 7 6.99 -2.12 25.05
CA THR F 7 6.76 -1.19 26.15
C THR F 7 7.07 -1.80 27.52
N ASN F 8 7.47 -0.93 28.45
CA ASN F 8 7.71 -1.33 29.84
C ASN F 8 6.48 -1.07 30.72
N ILE F 9 5.37 -0.70 30.07
CA ILE F 9 4.10 -0.45 30.76
C ILE F 9 3.25 -1.73 30.76
N SER F 10 2.84 -2.14 31.95
CA SER F 10 2.08 -3.35 32.15
C SER F 10 0.59 -3.06 32.20
N ILE F 11 -0.17 -3.69 31.31
CA ILE F 11 -1.63 -3.64 31.36
C ILE F 11 -2.23 -5.05 31.17
N PRO F 12 -3.47 -5.28 31.62
CA PRO F 12 -4.10 -6.58 31.43
C PRO F 12 -4.27 -6.94 29.95
N ASP F 13 -4.38 -8.24 29.67
CA ASP F 13 -4.46 -8.76 28.30
C ASP F 13 -5.63 -8.18 27.50
N ASP F 14 -6.80 -8.05 28.13
CA ASP F 14 -7.97 -7.50 27.44
C ASP F 14 -7.76 -6.05 27.02
N LYS F 15 -7.09 -5.26 27.86
CA LYS F 15 -6.79 -3.86 27.57
C LYS F 15 -5.73 -3.75 26.47
N ALA F 16 -4.73 -4.63 26.52
CA ALA F 16 -3.71 -4.73 25.48
C ALA F 16 -4.35 -5.04 24.13
N GLN F 17 -5.27 -6.02 24.12
CA GLN F 17 -6.00 -6.39 22.91
C GLN F 17 -6.81 -5.22 22.33
N ASN F 18 -7.46 -4.47 23.21
CA ASN F 18 -8.22 -3.28 22.82
C ASN F 18 -7.35 -2.18 22.22
N ALA F 19 -6.21 -1.90 22.85
CA ALA F 19 -5.26 -0.89 22.35
C ALA F 19 -4.72 -1.27 20.97
N LEU F 20 -4.37 -2.54 20.81
CA LEU F 20 -3.87 -3.05 19.53
C LEU F 20 -4.92 -2.98 18.42
N SER F 21 -6.17 -3.27 18.77
CA SER F 21 -7.26 -3.19 17.81
C SER F 21 -7.44 -1.77 17.26
N GLU F 22 -7.34 -0.77 18.14
CA GLU F 22 -7.44 0.63 17.74
C GLU F 22 -6.26 1.05 16.86
N ILE F 23 -5.05 0.60 17.20
CA ILE F 23 -3.86 0.84 16.37
C ILE F 23 -4.05 0.24 14.98
N GLU F 24 -4.57 -0.99 14.93
CA GLU F 24 -4.90 -1.65 13.66
C GLU F 24 -5.85 -0.82 12.81
N ASP F 25 -6.88 -0.25 13.45
CA ASP F 25 -7.84 0.58 12.74
C ASP F 25 -7.22 1.84 12.16
N ALA F 26 -6.30 2.45 12.91
CA ALA F 26 -5.58 3.63 12.43
C ALA F 26 -4.70 3.28 11.22
N ILE F 27 -3.97 2.17 11.31
CA ILE F 27 -3.13 1.68 10.21
C ILE F 27 -3.97 1.40 8.97
N SER F 28 -5.11 0.74 9.16
CA SER F 28 -5.99 0.41 8.06
C SER F 28 -6.55 1.67 7.40
N ASN F 29 -6.86 2.67 8.22
CA ASN F 29 -7.39 3.92 7.71
C ASN F 29 -6.35 4.71 6.89
N VAL F 30 -5.14 4.80 7.42
CA VAL F 30 -4.11 5.64 6.79
C VAL F 30 -3.48 4.94 5.58
N LEU F 31 -3.14 3.67 5.74
CA LEU F 31 -2.45 2.93 4.68
C LEU F 31 -3.38 2.22 3.70
N GLY F 32 -4.65 2.11 4.05
CA GLY F 32 -5.63 1.41 3.21
C GLY F 32 -5.55 -0.11 3.30
N LYS F 33 -4.74 -0.61 4.22
CA LYS F 33 -4.50 -2.05 4.33
C LYS F 33 -5.66 -2.71 5.09
N PRO F 34 -6.26 -3.77 4.50
CA PRO F 34 -7.32 -4.46 5.24
C PRO F 34 -6.78 -5.01 6.56
N VAL F 35 -7.65 -5.10 7.57
CA VAL F 35 -7.28 -5.69 8.85
C VAL F 35 -6.75 -7.13 8.64
N ALA F 36 -7.24 -7.79 7.58
CA ALA F 36 -6.79 -9.14 7.21
C ALA F 36 -5.28 -9.24 6.95
N TYR F 37 -4.68 -8.10 6.62
CA TYR F 37 -3.23 -8.03 6.35
C TYR F 37 -2.40 -7.53 7.53
N ILE F 38 -3.06 -7.13 8.62
CA ILE F 38 -2.35 -6.47 9.72
C ILE F 38 -2.00 -7.42 10.87
N MET F 39 -0.71 -7.53 11.15
CA MET F 39 -0.23 -8.13 12.39
C MET F 39 0.03 -7.03 13.39
N SER F 40 -0.27 -7.28 14.66
CA SER F 40 0.10 -6.35 15.73
C SER F 40 0.47 -7.11 16.98
N ASN F 41 1.28 -6.49 17.84
CA ASN F 41 1.72 -7.11 19.07
C ASN F 41 2.01 -6.15 20.21
N TYR F 42 1.74 -6.61 21.42
CA TYR F 42 2.08 -5.91 22.64
C TYR F 42 3.15 -6.75 23.33
N ASP F 43 4.39 -6.27 23.27
CA ASP F 43 5.52 -6.97 23.88
C ASP F 43 5.91 -6.25 25.15
N TYR F 44 5.57 -6.85 26.29
CA TYR F 44 5.92 -6.29 27.58
C TYR F 44 7.39 -6.56 27.94
N GLN F 45 8.16 -5.49 28.01
CA GLN F 45 9.59 -5.55 28.28
C GLN F 45 9.92 -4.68 29.49
N LYS F 46 9.94 -5.32 30.66
CA LYS F 46 10.05 -4.64 31.95
C LYS F 46 11.32 -3.79 32.13
N ASN F 47 12.39 -4.18 31.44
CA ASN F 47 13.66 -3.47 31.57
C ASN F 47 13.95 -2.50 30.41
N LEU F 48 12.92 -2.19 29.64
CA LEU F 48 13.03 -1.26 28.52
C LEU F 48 13.34 0.13 29.04
N ARG F 49 14.33 0.77 28.42
CA ARG F 49 14.82 2.07 28.85
C ARG F 49 14.79 3.10 27.73
N PHE F 50 14.57 4.34 28.12
CA PHE F 50 14.70 5.49 27.22
C PHE F 50 15.19 6.68 28.04
N SER F 51 16.08 7.47 27.42
CA SER F 51 16.64 8.67 28.03
CA SER F 51 16.67 8.67 28.02
C SER F 51 17.34 8.37 29.37
N GLY F 52 17.89 7.16 29.50
CA GLY F 52 18.63 6.76 30.69
C GLY F 52 17.81 6.24 31.85
N SER F 53 16.52 5.97 31.63
CA SER F 53 15.68 5.45 32.69
C SER F 53 14.63 4.43 32.25
N ASN F 54 14.12 3.69 33.23
CA ASN F 54 13.07 2.69 33.07
C ASN F 54 11.66 3.29 33.21
N GLU F 55 11.54 4.62 33.14
CA GLU F 55 10.23 5.28 33.20
C GLU F 55 9.36 4.86 32.01
N GLY F 56 8.05 4.84 32.23
CA GLY F 56 7.07 4.43 31.22
C GLY F 56 7.42 4.92 29.83
N TYR F 57 7.54 3.99 28.89
CA TYR F 57 7.98 4.30 27.53
C TYR F 57 7.42 3.29 26.52
N CYS F 58 7.21 3.76 25.29
CA CYS F 58 6.76 2.92 24.20
C CYS F 58 7.63 3.07 22.95
N PHE F 59 8.02 1.95 22.36
CA PHE F 59 8.61 1.93 21.03
C PHE F 59 7.73 1.12 20.09
N VAL F 60 7.41 1.70 18.94
CA VAL F 60 6.62 1.02 17.93
C VAL F 60 7.43 0.89 16.63
N ARG F 61 7.49 -0.32 16.10
CA ARG F 61 8.04 -0.52 14.76
C ARG F 61 6.92 -0.96 13.82
N LEU F 62 6.66 -0.12 12.82
CA LEU F 62 5.64 -0.40 11.82
C LEU F 62 6.28 -0.74 10.48
N THR F 63 6.11 -1.99 10.07
CA THR F 63 6.60 -2.46 8.78
C THR F 63 5.43 -2.63 7.82
N SER F 64 5.59 -2.14 6.60
CA SER F 64 4.55 -2.20 5.58
C SER F 64 5.15 -2.40 4.18
N ILE F 65 4.40 -3.08 3.33
CA ILE F 65 4.74 -3.17 1.92
C ILE F 65 4.14 -1.95 1.23
N GLY F 66 4.91 -0.86 1.20
CA GLY F 66 4.44 0.39 0.62
C GLY F 66 3.64 1.23 1.60
N GLY F 67 3.34 2.46 1.21
CA GLY F 67 2.61 3.39 2.06
C GLY F 67 3.49 4.08 3.10
N ILE F 68 4.80 3.88 3.00
CA ILE F 68 5.75 4.54 3.89
C ILE F 68 6.25 5.82 3.22
N ASN F 69 5.77 6.95 3.73
CA ASN F 69 6.08 8.26 3.18
C ASN F 69 5.78 9.33 4.23
N ARG F 70 6.27 10.56 3.99
N ARG F 70 6.24 10.56 3.98
CA ARG F 70 6.11 11.67 4.94
CA ARG F 70 6.13 11.65 4.96
C ARG F 70 4.68 11.78 5.45
C ARG F 70 4.69 11.87 5.45
N SER F 71 3.74 11.91 4.53
CA SER F 71 2.34 12.15 4.85
C SER F 71 1.73 11.05 5.72
N ASN F 72 1.86 9.80 5.29
CA ASN F 72 1.32 8.66 6.03
C ASN F 72 2.01 8.49 7.38
N ASN F 73 3.35 8.59 7.38
CA ASN F 73 4.12 8.46 8.61
C ASN F 73 3.70 9.51 9.65
N SER F 74 3.54 10.75 9.20
CA SER F 74 3.15 11.85 10.08
C SER F 74 1.78 11.62 10.70
N SER F 75 0.83 11.20 9.87
CA SER F 75 -0.53 10.92 10.31
C SER F 75 -0.59 9.78 11.32
N LEU F 76 0.10 8.68 11.01
CA LEU F 76 0.14 7.51 11.89
C LEU F 76 0.89 7.80 13.18
N ALA F 77 1.94 8.61 13.10
CA ALA F 77 2.67 9.05 14.30
C ALA F 77 1.74 9.76 15.27
N ASP F 78 0.94 10.69 14.76
CA ASP F 78 -0.06 11.39 15.57
C ASP F 78 -1.08 10.40 16.17
N LYS F 79 -1.70 9.60 15.31
CA LYS F 79 -2.77 8.69 15.71
C LYS F 79 -2.31 7.65 16.73
N ILE F 80 -1.18 6.99 16.44
CA ILE F 80 -0.69 5.91 17.29
C ILE F 80 -0.23 6.42 18.67
N THR F 81 0.45 7.58 18.68
CA THR F 81 0.90 8.19 19.94
C THR F 81 -0.28 8.54 20.84
N LYS F 82 -1.36 9.07 20.24
CA LYS F 82 -2.57 9.43 20.98
CA LYS F 82 -2.57 9.42 20.97
C LYS F 82 -3.21 8.18 21.60
N ILE F 83 -3.30 7.10 20.82
CA ILE F 83 -3.86 5.84 21.30
C ILE F 83 -3.06 5.30 22.49
N LEU F 84 -1.74 5.32 22.37
CA LEU F 84 -0.86 4.84 23.43
C LEU F 84 -0.99 5.68 24.71
N SER F 85 -1.00 7.01 24.54
CA SER F 85 -1.19 7.91 25.68
CA SER F 85 -1.19 7.93 25.67
C SER F 85 -2.53 7.71 26.36
N ASN F 86 -3.59 7.52 25.56
CA ASN F 86 -4.93 7.29 26.09
CA ASN F 86 -4.93 7.28 26.09
C ASN F 86 -5.05 5.94 26.82
N HIS F 87 -4.55 4.87 26.20
CA HIS F 87 -4.73 3.52 26.74
C HIS F 87 -3.65 3.04 27.72
N LEU F 88 -2.42 3.53 27.55
CA LEU F 88 -1.30 3.08 28.39
C LEU F 88 -0.82 4.13 29.38
N GLY F 89 -1.25 5.38 29.19
CA GLY F 89 -0.85 6.46 30.09
C GLY F 89 0.59 6.93 29.88
N VAL F 90 1.21 6.46 28.81
CA VAL F 90 2.55 6.93 28.43
C VAL F 90 2.51 8.41 28.04
N LYS F 91 3.57 9.16 28.38
CA LYS F 91 3.72 10.53 27.91
C LYS F 91 4.10 10.51 26.43
N PRO F 92 3.51 11.42 25.61
CA PRO F 92 3.90 11.49 24.20
C PRO F 92 5.42 11.58 24.00
N ARG F 93 6.10 12.33 24.87
CA ARG F 93 7.56 12.48 24.81
C ARG F 93 8.34 11.21 25.09
N ARG F 94 7.65 10.14 25.47
CA ARG F 94 8.29 8.83 25.63
C ARG F 94 7.66 7.78 24.71
N VAL F 95 7.38 8.20 23.48
CA VAL F 95 6.90 7.33 22.41
C VAL F 95 7.76 7.56 21.17
N TYR F 96 8.47 6.51 20.76
CA TYR F 96 9.23 6.47 19.51
C TYR F 96 8.48 5.57 18.53
N ILE F 97 8.41 6.00 17.27
CA ILE F 97 7.86 5.15 16.22
C ILE F 97 8.81 5.10 15.03
N GLU F 98 9.16 3.88 14.62
CA GLU F 98 9.99 3.65 13.45
C GLU F 98 9.15 3.07 12.32
N PHE F 99 9.26 3.66 11.12
CA PHE F 99 8.54 3.19 9.93
C PHE F 99 9.50 2.48 8.98
N ARG F 100 9.11 1.28 8.54
CA ARG F 100 9.94 0.44 7.68
C ARG F 100 9.19 0.01 6.43
N ASP F 101 9.78 0.29 5.27
CA ASP F 101 9.22 -0.15 3.99
C ASP F 101 9.82 -1.51 3.65
N CYS F 102 9.01 -2.39 3.10
CA CYS F 102 9.50 -3.69 2.65
C CYS F 102 9.01 -3.97 1.23
N SER F 103 9.91 -4.49 0.39
CA SER F 103 9.57 -4.93 -0.95
CA SER F 103 9.56 -4.92 -0.96
C SER F 103 8.64 -6.14 -0.88
N ALA F 104 7.70 -6.23 -1.81
CA ALA F 104 6.75 -7.36 -1.85
C ALA F 104 7.48 -8.69 -2.04
N GLN F 105 8.56 -8.66 -2.83
CA GLN F 105 9.42 -9.82 -3.09
C GLN F 105 10.17 -10.32 -1.85
N ASN F 106 10.29 -9.45 -0.85
CA ASN F 106 10.96 -9.80 0.42
C ASN F 106 9.97 -10.08 1.55
N PHE F 107 8.76 -10.49 1.19
CA PHE F 107 7.71 -10.74 2.17
C PHE F 107 6.77 -11.84 1.70
N ALA F 108 6.50 -12.81 2.58
CA ALA F 108 5.69 -13.97 2.22
C ALA F 108 4.46 -14.12 3.09
N PHE F 109 3.41 -14.71 2.50
CA PHE F 109 2.18 -15.05 3.20
C PHE F 109 1.73 -16.39 2.67
N SER F 110 1.32 -17.27 3.59
CA SER F 110 0.84 -18.61 3.26
C SER F 110 1.84 -19.40 2.39
N GLY F 111 3.14 -19.19 2.65
CA GLY F 111 4.20 -19.92 1.97
C GLY F 111 4.61 -19.38 0.61
N SER F 112 4.04 -18.24 0.20
CA SER F 112 4.33 -17.63 -1.10
C SER F 112 4.62 -16.16 -0.97
N LEU F 113 5.57 -15.68 -1.76
CA LEU F 113 5.92 -14.27 -1.81
C LEU F 113 4.75 -13.42 -2.30
N PHE F 114 4.64 -12.22 -1.74
CA PHE F 114 3.74 -11.21 -2.29
C PHE F 114 4.38 -10.66 -3.57
N GLY F 115 3.58 -9.93 -4.37
CA GLY F 115 4.12 -9.27 -5.56
C GLY F 115 4.10 -10.11 -6.81
N LEU F 116 4.29 -9.48 -7.97
CA LEU F 116 4.24 -10.16 -9.26
C LEU F 116 5.60 -10.75 -9.63
#